data_8WCH
#
_entry.id   8WCH
#
_cell.length_a   122.204
_cell.length_b   122.204
_cell.length_c   125.908
_cell.angle_alpha   90.000
_cell.angle_beta   90.000
_cell.angle_gamma   90.000
#
_symmetry.space_group_name_H-M   'P 41 21 2'
#
loop_
_entity.id
_entity.type
_entity.pdbx_description
1 polymer 'Probable Leu/Ile/Val-binding protein'
2 non-polymer 'PYROGLUTAMIC ACID'
3 non-polymer 'SODIUM ION'
4 water water
#
_entity_poly.entity_id   1
_entity_poly.type   'polypeptide(L)'
_entity_poly.pdbx_seq_one_letter_code
;MGSSHHHHHHSSGLVPRGSHMAENVKIGVLYPLTGPVAQVGKDAVAAVQTALDIINNSHNIPGMPLAKDAGLKGLGGGKI
SIVVGDHGGKPDIGVGETEKMLNSDKVHAMFGAYYSSVTGAASQVSERAGIPWVNGESTSPKLTTRGFKYFFRVTPHDGE
FTQLMFEFMDDFNTKNGNKLKTLGIIHEDTLWGADSGGTQNTMAKDKGYKVVEKISYKAKTTSLSSEVQRLKAKNPDVLL
PSSYTADAYLFLNTAKELDYNPKLLVAQ(SNN)AGYTDPKFIATMGSKAEGVITRSPFNTDLATTIPMIGTVNEIFKTHS
GGRDLSDVPARAFTGFMALANAINNAGSTDPEKIRQALVDLDMSSDSLIVPYRGIKFGADGQNEKTRGILMQVQDGKYCT
VYPFELAACKLQYPMPTWSQK
;
_entity_poly.pdbx_strand_id   A,B
#
loop_
_chem_comp.id
_chem_comp.type
_chem_comp.name
_chem_comp.formula
NA non-polymer 'SODIUM ION' 'Na 1'
#
# COMPACT_ATOMS: atom_id res chain seq x y z
N ALA A 22 28.69 -43.62 9.57
CA ALA A 22 27.21 -43.60 9.85
C ALA A 22 26.85 -42.44 10.79
N GLU A 23 26.16 -41.42 10.25
CA GLU A 23 26.00 -40.14 10.92
C GLU A 23 24.54 -39.70 10.83
N ASN A 24 23.90 -39.48 11.99
CA ASN A 24 22.53 -39.00 11.99
C ASN A 24 22.47 -37.49 11.82
N VAL A 25 21.28 -36.99 11.49
CA VAL A 25 21.09 -35.55 11.29
C VAL A 25 19.74 -35.16 11.89
N LYS A 26 19.75 -34.00 12.56
CA LYS A 26 18.61 -33.45 13.24
C LYS A 26 18.11 -32.18 12.57
N ILE A 27 16.80 -32.14 12.28
CA ILE A 27 16.14 -31.02 11.58
C ILE A 27 15.05 -30.43 12.48
N GLY A 28 15.02 -29.11 12.58
CA GLY A 28 13.96 -28.45 13.30
C GLY A 28 12.74 -28.23 12.39
N VAL A 29 11.55 -28.38 12.96
CA VAL A 29 10.28 -28.33 12.24
C VAL A 29 9.34 -27.43 13.05
N LEU A 30 8.86 -26.33 12.44
CA LEU A 30 8.02 -25.36 13.12
C LEU A 30 6.73 -25.18 12.38
N TYR A 31 5.61 -25.44 13.07
CA TYR A 31 4.31 -25.29 12.45
C TYR A 31 3.28 -24.84 13.50
N PRO A 32 2.08 -24.40 13.08
CA PRO A 32 1.00 -24.06 14.01
C PRO A 32 0.19 -25.32 14.34
N LEU A 33 0.31 -25.79 15.56
CA LEU A 33 -0.27 -27.06 15.97
C LEU A 33 -1.45 -26.90 16.93
N THR A 34 -1.65 -25.66 17.38
CA THR A 34 -2.78 -25.24 18.16
C THR A 34 -3.30 -23.96 17.53
N GLY A 35 -4.52 -23.59 17.90
CA GLY A 35 -5.13 -22.38 17.36
C GLY A 35 -5.97 -22.65 16.11
N PRO A 36 -6.39 -21.57 15.42
CA PRO A 36 -7.36 -21.69 14.32
C PRO A 36 -6.97 -22.50 13.08
N VAL A 37 -5.68 -22.71 12.87
CA VAL A 37 -5.19 -23.43 11.69
C VAL A 37 -4.48 -24.72 12.13
N ALA A 38 -4.82 -25.24 13.32
CA ALA A 38 -4.09 -26.37 13.89
C ALA A 38 -4.10 -27.61 12.99
N GLN A 39 -5.17 -27.86 12.23
CA GLN A 39 -5.19 -29.08 11.43
C GLN A 39 -4.15 -29.01 10.31
N VAL A 40 -3.90 -27.80 9.82
CA VAL A 40 -2.89 -27.55 8.83
C VAL A 40 -1.54 -28.02 9.37
N GLY A 41 -1.22 -27.57 10.58
CA GLY A 41 0.06 -27.91 11.16
C GLY A 41 0.17 -29.39 11.48
N LYS A 42 -0.89 -29.95 12.02
CA LYS A 42 -0.85 -31.36 12.39
C LYS A 42 -0.66 -32.22 11.14
N ASP A 43 -1.35 -31.90 10.04
CA ASP A 43 -1.25 -32.69 8.82
C ASP A 43 0.11 -32.43 8.17
N ALA A 44 0.66 -31.21 8.27
CA ALA A 44 2.00 -30.97 7.74
C ALA A 44 3.04 -31.82 8.47
N VAL A 45 2.95 -31.86 9.79
CA VAL A 45 3.88 -32.67 10.54
C VAL A 45 3.69 -34.16 10.21
N ALA A 46 2.46 -34.60 10.03
CA ALA A 46 2.23 -35.98 9.60
C ALA A 46 2.87 -36.28 8.24
N ALA A 47 2.87 -35.29 7.34
CA ALA A 47 3.54 -35.40 6.05
C ALA A 47 5.06 -35.54 6.20
N VAL A 48 5.66 -34.76 7.10
CA VAL A 48 7.07 -34.89 7.35
C VAL A 48 7.35 -36.29 7.93
N GLN A 49 6.48 -36.77 8.83
CA GLN A 49 6.67 -38.10 9.41
C GLN A 49 6.54 -39.17 8.33
N THR A 50 5.70 -38.92 7.31
CA THR A 50 5.56 -39.83 6.18
C THR A 50 6.88 -39.92 5.38
N ALA A 51 7.48 -38.77 5.15
CA ALA A 51 8.78 -38.70 4.52
C ALA A 51 9.81 -39.44 5.34
N LEU A 52 9.87 -39.15 6.64
CA LEU A 52 10.83 -39.85 7.49
C LEU A 52 10.64 -41.36 7.42
N ASP A 53 9.39 -41.85 7.42
CA ASP A 53 9.12 -43.27 7.28
C ASP A 53 9.71 -43.81 5.97
N ILE A 54 9.48 -43.12 4.85
CA ILE A 54 10.03 -43.53 3.57
C ILE A 54 11.56 -43.49 3.60
N ILE A 55 12.16 -42.50 4.27
CA ILE A 55 13.61 -42.32 4.26
C ILE A 55 14.31 -43.33 5.15
N ASN A 56 13.87 -43.34 6.41
CA ASN A 56 14.61 -44.03 7.47
C ASN A 56 14.42 -45.54 7.46
N ASN A 57 13.32 -46.01 6.86
CA ASN A 57 13.02 -47.42 6.70
C ASN A 57 13.17 -47.79 5.25
N SER A 58 13.32 -49.09 5.00
CA SER A 58 13.46 -49.58 3.66
C SER A 58 12.07 -49.83 3.05
N HIS A 59 11.80 -49.20 1.89
CA HIS A 59 10.55 -49.29 1.17
C HIS A 59 10.85 -49.58 -0.29
N ASN A 60 10.00 -50.44 -0.86
CA ASN A 60 10.01 -50.76 -2.28
C ASN A 60 9.06 -49.79 -3.00
N ILE A 61 9.60 -48.66 -3.46
CA ILE A 61 8.83 -47.66 -4.18
C ILE A 61 9.66 -47.25 -5.39
N PRO A 62 9.46 -47.90 -6.55
CA PRO A 62 10.17 -47.51 -7.75
C PRO A 62 9.89 -46.04 -8.01
N GLY A 63 10.93 -45.33 -8.40
CA GLY A 63 10.80 -43.94 -8.77
C GLY A 63 11.02 -42.97 -7.61
N MET A 64 11.12 -43.47 -6.36
CA MET A 64 11.23 -42.59 -5.19
C MET A 64 12.64 -42.69 -4.61
N PRO A 65 13.51 -41.67 -4.83
CA PRO A 65 14.80 -41.63 -4.19
C PRO A 65 14.61 -41.73 -2.68
N LEU A 66 15.60 -42.35 -2.04
CA LEU A 66 15.70 -42.51 -0.60
C LEU A 66 14.82 -43.64 -0.05
N ALA A 67 13.91 -44.21 -0.85
CA ALA A 67 12.98 -45.23 -0.34
C ALA A 67 13.68 -46.54 0.02
N LYS A 68 14.47 -47.07 -0.92
CA LYS A 68 15.02 -48.41 -0.84
C LYS A 68 15.96 -48.54 0.35
N ASP A 69 16.85 -47.57 0.55
CA ASP A 69 17.83 -47.63 1.63
C ASP A 69 17.18 -47.30 2.97
N ALA A 70 17.57 -47.99 4.06
CA ALA A 70 17.14 -47.59 5.39
C ALA A 70 18.10 -46.53 5.96
N GLY A 71 17.67 -45.26 5.92
CA GLY A 71 18.56 -44.13 6.18
C GLY A 71 19.30 -43.68 4.94
N LEU A 72 20.04 -42.57 5.08
CA LEU A 72 20.59 -41.88 3.94
C LEU A 72 21.91 -42.54 3.56
N LYS A 73 22.00 -43.07 2.35
CA LYS A 73 23.24 -43.65 1.85
C LYS A 73 24.38 -42.65 2.00
N GLY A 74 24.11 -41.34 1.73
CA GLY A 74 25.16 -40.34 1.78
C GLY A 74 25.71 -40.11 3.18
N LEU A 75 24.94 -40.50 4.21
CA LEU A 75 25.38 -40.42 5.60
C LEU A 75 25.71 -41.81 6.16
N GLY A 76 25.98 -42.77 5.28
CA GLY A 76 26.37 -44.10 5.72
C GLY A 76 25.22 -44.84 6.39
N GLY A 77 23.99 -44.51 6.02
CA GLY A 77 22.83 -45.11 6.64
C GLY A 77 22.30 -44.29 7.82
N GLY A 78 22.88 -43.12 8.10
CA GLY A 78 22.37 -42.25 9.16
C GLY A 78 20.89 -41.91 8.99
N LYS A 79 20.20 -41.75 10.11
CA LYS A 79 18.79 -41.44 10.14
C LYS A 79 18.56 -39.93 10.35
N ILE A 80 17.46 -39.47 9.76
CA ILE A 80 16.95 -38.13 10.04
C ILE A 80 16.00 -38.17 11.25
N SER A 81 16.21 -37.23 12.17
CA SER A 81 15.26 -36.99 13.23
C SER A 81 14.81 -35.55 13.16
N ILE A 82 13.66 -35.28 13.77
CA ILE A 82 13.13 -33.93 13.82
C ILE A 82 12.83 -33.57 15.24
N VAL A 83 12.96 -32.27 15.51
CA VAL A 83 12.41 -31.66 16.72
C VAL A 83 11.32 -30.70 16.24
N VAL A 84 10.14 -30.80 16.86
CA VAL A 84 8.95 -30.12 16.40
C VAL A 84 8.60 -29.06 17.45
N GLY A 85 8.26 -27.89 16.93
CA GLY A 85 7.80 -26.76 17.74
C GLY A 85 6.45 -26.24 17.23
N ASP A 86 5.53 -25.97 18.15
CA ASP A 86 4.29 -25.26 17.89
C ASP A 86 4.47 -23.76 18.10
N HIS A 87 4.38 -23.00 17.00
CA HIS A 87 4.58 -21.56 17.07
C HIS A 87 3.28 -20.80 17.29
N GLY A 88 2.14 -21.50 17.26
CA GLY A 88 0.86 -20.88 17.56
C GLY A 88 0.46 -19.74 16.60
N GLY A 89 1.09 -19.64 15.43
CA GLY A 89 0.86 -18.54 14.51
C GLY A 89 1.53 -17.22 14.89
N LYS A 90 2.44 -17.24 15.86
CA LYS A 90 3.01 -16.01 16.39
C LYS A 90 4.47 -15.89 15.96
N PRO A 91 4.84 -14.90 15.13
CA PRO A 91 6.23 -14.74 14.73
C PRO A 91 7.24 -14.73 15.88
N ASP A 92 6.92 -14.04 16.98
CA ASP A 92 7.88 -13.94 18.08
C ASP A 92 8.10 -15.31 18.71
N ILE A 93 7.05 -16.14 18.80
CA ILE A 93 7.23 -17.46 19.34
C ILE A 93 8.08 -18.31 18.39
N GLY A 94 7.80 -18.20 17.08
CA GLY A 94 8.58 -18.89 16.07
C GLY A 94 10.07 -18.55 16.12
N VAL A 95 10.37 -17.27 16.35
CA VAL A 95 11.74 -16.79 16.50
C VAL A 95 12.39 -17.44 17.72
N GLY A 96 11.72 -17.39 18.88
CA GLY A 96 12.25 -18.01 20.09
C GLY A 96 12.49 -19.51 19.93
N GLU A 97 11.55 -20.21 19.31
CA GLU A 97 11.67 -21.64 19.10
C GLU A 97 12.82 -21.97 18.16
N THR A 98 12.99 -21.15 17.12
CA THR A 98 14.10 -21.33 16.18
C THR A 98 15.43 -21.16 16.92
N GLU A 99 15.53 -20.11 17.72
CA GLU A 99 16.76 -19.89 18.49
C GLU A 99 17.10 -21.11 19.35
N LYS A 100 16.11 -21.65 20.07
CA LYS A 100 16.33 -22.81 20.94
C LYS A 100 16.74 -24.04 20.10
N MET A 101 16.10 -24.25 18.96
CA MET A 101 16.46 -25.38 18.10
C MET A 101 17.89 -25.25 17.59
N LEU A 102 18.30 -24.03 17.27
CA LEU A 102 19.67 -23.80 16.81
C LEU A 102 20.66 -23.97 17.95
N ASN A 103 20.35 -23.42 19.13
CA ASN A 103 21.34 -23.22 20.18
C ASN A 103 21.37 -24.37 21.17
N SER A 104 20.19 -24.95 21.48
CA SER A 104 20.07 -26.06 22.44
C SER A 104 20.05 -27.41 21.70
N ASP A 105 19.18 -27.52 20.68
CA ASP A 105 19.01 -28.80 19.99
C ASP A 105 20.12 -29.04 18.96
N LYS A 106 20.82 -27.96 18.55
CA LYS A 106 21.89 -28.01 17.55
C LYS A 106 21.38 -28.63 16.25
N VAL A 107 20.24 -28.17 15.74
CA VAL A 107 19.76 -28.66 14.46
C VAL A 107 20.69 -28.16 13.36
N HIS A 108 20.75 -28.94 12.27
CA HIS A 108 21.61 -28.65 11.15
C HIS A 108 20.82 -28.05 9.98
N ALA A 109 19.48 -28.02 10.07
CA ALA A 109 18.59 -27.38 9.11
C ALA A 109 17.26 -27.09 9.81
N MET A 110 16.50 -26.18 9.21
CA MET A 110 15.17 -25.81 9.65
C MET A 110 14.16 -26.06 8.52
N PHE A 111 12.91 -26.30 8.92
CA PHE A 111 11.82 -26.57 8.00
C PHE A 111 10.54 -25.98 8.58
N GLY A 112 9.78 -25.25 7.75
CA GLY A 112 8.53 -24.63 8.19
C GLY A 112 8.30 -23.35 7.37
N ALA A 113 7.29 -22.55 7.73
CA ALA A 113 6.50 -22.70 8.95
C ALA A 113 5.03 -22.32 8.69
N TYR A 114 4.53 -22.56 7.46
CA TYR A 114 3.14 -22.27 7.04
C TYR A 114 2.89 -20.78 6.84
N TYR A 115 2.71 -20.02 7.92
CA TYR A 115 2.46 -18.59 7.80
C TYR A 115 3.68 -17.85 7.23
N SER A 116 3.47 -17.03 6.20
CA SER A 116 4.59 -16.25 5.68
C SER A 116 5.19 -15.35 6.76
N SER A 117 4.35 -14.76 7.62
CA SER A 117 4.85 -13.88 8.68
C SER A 117 5.85 -14.62 9.56
N VAL A 118 5.51 -15.85 9.94
CA VAL A 118 6.34 -16.63 10.84
C VAL A 118 7.58 -17.14 10.10
N THR A 119 7.39 -17.71 8.93
CA THR A 119 8.50 -18.16 8.13
C THR A 119 9.51 -17.02 7.92
N GLY A 120 9.03 -15.80 7.59
CA GLY A 120 9.93 -14.67 7.36
C GLY A 120 10.76 -14.36 8.60
N ALA A 121 10.09 -14.24 9.75
CA ALA A 121 10.80 -13.85 10.98
C ALA A 121 11.79 -14.94 11.42
N ALA A 122 11.35 -16.20 11.40
CA ALA A 122 12.18 -17.30 11.85
C ALA A 122 13.36 -17.58 10.92
N SER A 123 13.12 -17.46 9.60
CA SER A 123 14.18 -17.73 8.64
C SER A 123 15.23 -16.64 8.66
N GLN A 124 14.93 -15.45 9.19
CA GLN A 124 15.95 -14.44 9.36
CA GLN A 124 15.95 -14.44 9.36
C GLN A 124 16.96 -14.85 10.44
N VAL A 125 16.47 -15.50 11.51
CA VAL A 125 17.35 -16.03 12.55
C VAL A 125 18.30 -17.08 11.99
N SER A 126 17.76 -18.07 11.26
CA SER A 126 18.59 -19.14 10.74
C SER A 126 19.51 -18.60 9.66
N GLU A 127 19.06 -17.60 8.91
CA GLU A 127 19.90 -16.97 7.91
C GLU A 127 21.18 -16.43 8.56
N ARG A 128 20.99 -15.69 9.65
CA ARG A 128 22.12 -15.09 10.34
C ARG A 128 23.00 -16.15 10.98
N ALA A 129 22.40 -17.25 11.44
CA ALA A 129 23.15 -18.34 12.02
C ALA A 129 23.94 -19.13 10.98
N GLY A 130 23.53 -19.03 9.70
CA GLY A 130 24.11 -19.84 8.65
C GLY A 130 23.63 -21.29 8.63
N ILE A 131 22.34 -21.45 8.90
CA ILE A 131 21.70 -22.76 8.92
C ILE A 131 20.62 -22.75 7.85
N PRO A 132 20.64 -23.72 6.92
CA PRO A 132 19.66 -23.74 5.85
C PRO A 132 18.23 -23.93 6.36
N TRP A 133 17.32 -23.18 5.72
CA TRP A 133 15.90 -23.23 5.99
C TRP A 133 15.21 -23.59 4.69
N VAL A 134 14.44 -24.67 4.69
CA VAL A 134 13.60 -25.04 3.56
C VAL A 134 12.14 -24.83 3.93
N ASN A 135 11.44 -24.13 3.01
CA ASN A 135 10.03 -23.84 3.17
C ASN A 135 9.20 -24.62 2.15
N GLY A 136 8.13 -25.26 2.65
CA GLY A 136 7.26 -26.03 1.80
C GLY A 136 5.99 -25.30 1.33
N GLU A 137 5.50 -24.28 2.05
CA GLU A 137 4.15 -23.82 1.73
C GLU A 137 3.85 -22.36 2.06
N SER A 138 4.85 -21.50 2.31
CA SER A 138 4.61 -20.07 2.54
C SER A 138 4.79 -19.35 1.22
N THR A 139 3.85 -18.47 0.87
CA THR A 139 3.78 -18.00 -0.52
C THR A 139 3.96 -16.50 -0.70
N SER A 140 4.29 -15.73 0.34
CA SER A 140 4.62 -14.32 0.12
C SER A 140 5.79 -14.21 -0.86
N PRO A 141 5.66 -13.49 -1.99
CA PRO A 141 6.77 -13.34 -2.93
C PRO A 141 8.02 -12.70 -2.31
N LYS A 142 7.80 -11.85 -1.30
CA LYS A 142 8.89 -11.15 -0.68
C LYS A 142 9.87 -12.07 0.06
N LEU A 143 9.45 -13.28 0.45
CA LEU A 143 10.37 -14.12 1.21
C LEU A 143 11.63 -14.48 0.41
N THR A 144 11.53 -14.54 -0.93
CA THR A 144 12.70 -14.86 -1.75
C THR A 144 13.31 -13.62 -2.43
N THR A 145 12.97 -12.40 -1.98
CA THR A 145 13.56 -11.17 -2.52
C THR A 145 14.34 -10.44 -1.44
N ARG A 146 14.75 -11.17 -0.40
CA ARG A 146 15.46 -10.59 0.73
C ARG A 146 16.98 -10.60 0.56
N GLY A 147 17.50 -11.23 -0.49
CA GLY A 147 18.93 -11.33 -0.69
C GLY A 147 19.54 -12.43 0.16
N PHE A 148 18.71 -13.34 0.66
CA PHE A 148 19.20 -14.39 1.53
C PHE A 148 19.96 -15.44 0.72
N LYS A 149 20.79 -16.20 1.46
CA LYS A 149 21.60 -17.29 0.93
C LYS A 149 21.27 -18.64 1.53
N TYR A 150 20.49 -18.69 2.62
CA TYR A 150 20.25 -19.94 3.31
C TYR A 150 18.76 -20.30 3.27
N PHE A 151 17.97 -19.62 2.44
CA PHE A 151 16.53 -19.82 2.39
C PHE A 151 16.13 -20.43 1.03
N PHE A 152 15.42 -21.57 1.09
CA PHE A 152 15.05 -22.27 -0.14
C PHE A 152 13.57 -22.60 -0.07
N ARG A 153 12.83 -22.25 -1.11
CA ARG A 153 11.38 -22.42 -1.11
C ARG A 153 10.94 -23.33 -2.25
N VAL A 154 10.16 -24.35 -1.90
CA VAL A 154 9.79 -25.40 -2.83
C VAL A 154 8.41 -25.17 -3.45
N THR A 155 7.48 -24.53 -2.71
CA THR A 155 6.16 -24.18 -3.22
C THR A 155 6.27 -23.07 -4.24
N PRO A 156 5.34 -22.98 -5.19
CA PRO A 156 5.15 -21.72 -5.92
C PRO A 156 4.83 -20.60 -4.92
N HIS A 157 5.17 -19.36 -5.29
CA HIS A 157 4.78 -18.21 -4.52
C HIS A 157 3.59 -17.53 -5.21
N ASP A 158 3.06 -16.51 -4.53
CA ASP A 158 1.82 -15.87 -4.97
C ASP A 158 1.97 -15.04 -6.24
N GLY A 159 3.20 -14.75 -6.66
CA GLY A 159 3.37 -14.19 -8.00
C GLY A 159 2.94 -15.20 -9.07
N GLU A 160 3.39 -16.43 -8.90
CA GLU A 160 3.10 -17.55 -9.79
C GLU A 160 1.62 -17.93 -9.68
N PHE A 161 1.13 -18.10 -8.46
CA PHE A 161 -0.28 -18.47 -8.32
C PHE A 161 -1.23 -17.37 -8.83
N THR A 162 -0.88 -16.10 -8.63
CA THR A 162 -1.73 -15.04 -9.12
C THR A 162 -1.69 -15.00 -10.66
N GLN A 163 -0.52 -15.24 -11.25
CA GLN A 163 -0.42 -15.37 -12.69
C GLN A 163 -1.40 -16.42 -13.20
N LEU A 164 -1.49 -17.57 -12.52
CA LEU A 164 -2.40 -18.63 -12.91
C LEU A 164 -3.85 -18.15 -12.82
N MET A 165 -4.22 -17.44 -11.74
CA MET A 165 -5.55 -16.89 -11.62
C MET A 165 -5.89 -15.99 -12.81
N PHE A 166 -4.95 -15.14 -13.20
CA PHE A 166 -5.23 -14.22 -14.31
C PHE A 166 -5.22 -14.91 -15.68
N GLU A 167 -4.45 -15.98 -15.85
CA GLU A 167 -4.53 -16.75 -17.07
CA GLU A 167 -4.48 -16.83 -17.04
C GLU A 167 -5.91 -17.37 -17.19
N PHE A 168 -6.43 -17.92 -16.10
CA PHE A 168 -7.80 -18.41 -16.04
C PHE A 168 -8.82 -17.31 -16.36
N MET A 169 -8.70 -16.13 -15.74
CA MET A 169 -9.68 -15.06 -15.99
C MET A 169 -9.58 -14.60 -17.45
N ASP A 170 -8.37 -14.50 -17.99
CA ASP A 170 -8.21 -14.11 -19.39
C ASP A 170 -8.87 -15.13 -20.34
N ASP A 171 -8.70 -16.43 -20.04
CA ASP A 171 -9.21 -17.48 -20.91
C ASP A 171 -10.72 -17.56 -20.81
N PHE A 172 -11.24 -17.42 -19.59
CA PHE A 172 -12.68 -17.33 -19.40
C PHE A 172 -13.21 -16.14 -20.20
N ASN A 173 -12.52 -15.00 -20.10
CA ASN A 173 -12.97 -13.81 -20.79
C ASN A 173 -13.08 -14.05 -22.30
N THR A 174 -12.06 -14.66 -22.90
CA THR A 174 -12.06 -14.87 -24.34
C THR A 174 -13.24 -15.75 -24.76
N LYS A 175 -13.63 -16.69 -23.89
CA LYS A 175 -14.73 -17.61 -24.14
C LYS A 175 -16.11 -17.02 -23.80
N ASN A 176 -16.18 -15.92 -23.04
CA ASN A 176 -17.44 -15.41 -22.47
C ASN A 176 -17.59 -13.90 -22.64
N GLY A 177 -17.21 -13.37 -23.81
CA GLY A 177 -17.53 -12.01 -24.16
C GLY A 177 -16.83 -10.96 -23.29
N ASN A 178 -15.69 -11.32 -22.70
CA ASN A 178 -14.90 -10.43 -21.87
C ASN A 178 -15.73 -9.84 -20.73
N LYS A 179 -16.63 -10.66 -20.18
CA LYS A 179 -17.55 -10.17 -19.15
C LYS A 179 -16.95 -10.01 -17.74
N LEU A 180 -15.77 -10.58 -17.46
CA LEU A 180 -15.13 -10.38 -16.16
C LEU A 180 -14.29 -9.10 -16.20
N LYS A 181 -14.85 -8.02 -15.64
CA LYS A 181 -14.25 -6.70 -15.71
C LYS A 181 -13.79 -6.18 -14.36
N THR A 182 -14.56 -6.44 -13.30
CA THR A 182 -14.30 -5.88 -11.99
C THR A 182 -13.89 -6.97 -10.99
N LEU A 183 -13.00 -6.59 -10.07
CA LEU A 183 -12.44 -7.49 -9.07
C LEU A 183 -12.64 -6.86 -7.69
N GLY A 184 -12.94 -7.71 -6.74
CA GLY A 184 -12.92 -7.34 -5.33
C GLY A 184 -11.89 -8.17 -4.60
N ILE A 185 -10.92 -7.49 -4.03
CA ILE A 185 -9.83 -8.11 -3.30
C ILE A 185 -10.16 -7.93 -1.83
N ILE A 186 -10.08 -9.01 -1.05
CA ILE A 186 -10.21 -8.94 0.40
C ILE A 186 -9.19 -9.87 1.03
N HIS A 187 -8.39 -9.32 1.96
CA HIS A 187 -7.22 -10.05 2.45
C HIS A 187 -6.94 -9.74 3.92
N GLU A 188 -6.46 -10.75 4.63
CA GLU A 188 -5.95 -10.56 5.97
C GLU A 188 -4.70 -9.67 5.92
N ASP A 189 -4.42 -9.03 7.05
CA ASP A 189 -3.47 -7.92 7.05
C ASP A 189 -2.01 -8.23 7.42
N THR A 190 -1.63 -9.50 7.64
CA THR A 190 -0.23 -9.82 7.85
C THR A 190 0.47 -10.00 6.50
N LEU A 191 1.75 -10.39 6.57
CA LEU A 191 2.61 -10.42 5.39
C LEU A 191 1.94 -11.15 4.22
N TRP A 192 1.45 -12.35 4.47
CA TRP A 192 0.91 -13.16 3.38
C TRP A 192 -0.24 -12.45 2.68
N GLY A 193 -1.29 -12.12 3.44
CA GLY A 193 -2.48 -11.52 2.85
C GLY A 193 -2.20 -10.20 2.15
N ALA A 194 -1.40 -9.35 2.82
CA ALA A 194 -1.01 -8.07 2.24
C ALA A 194 -0.28 -8.26 0.92
N ASP A 195 0.65 -9.20 0.88
CA ASP A 195 1.42 -9.39 -0.34
C ASP A 195 0.58 -10.04 -1.43
N SER A 196 -0.35 -10.90 -1.03
CA SER A 196 -1.24 -11.58 -1.97
C SER A 196 -2.14 -10.53 -2.63
N GLY A 197 -2.82 -9.75 -1.78
CA GLY A 197 -3.71 -8.71 -2.28
C GLY A 197 -2.97 -7.68 -3.14
N GLY A 198 -1.76 -7.31 -2.70
CA GLY A 198 -0.94 -6.37 -3.45
C GLY A 198 -0.50 -6.92 -4.81
N THR A 199 -0.13 -8.22 -4.83
CA THR A 199 0.24 -8.87 -6.08
C THR A 199 -0.95 -8.85 -7.04
N GLN A 200 -2.13 -9.19 -6.53
CA GLN A 200 -3.33 -9.21 -7.34
C GLN A 200 -3.67 -7.82 -7.87
N ASN A 201 -3.52 -6.82 -7.01
CA ASN A 201 -3.87 -5.45 -7.39
C ASN A 201 -2.96 -4.98 -8.52
N THR A 202 -1.66 -5.25 -8.37
CA THR A 202 -0.70 -4.82 -9.38
C THR A 202 -1.00 -5.52 -10.70
N MET A 203 -1.24 -6.84 -10.63
CA MET A 203 -1.47 -7.60 -11.86
C MET A 203 -2.79 -7.17 -12.51
N ALA A 204 -3.82 -6.90 -11.70
CA ALA A 204 -5.06 -6.37 -12.21
C ALA A 204 -4.84 -5.11 -13.04
N LYS A 205 -4.13 -4.14 -12.46
CA LYS A 205 -3.88 -2.88 -13.12
C LYS A 205 -3.13 -3.14 -14.42
N ASP A 206 -2.09 -3.99 -14.35
CA ASP A 206 -1.28 -4.26 -15.54
C ASP A 206 -2.08 -4.95 -16.66
N LYS A 207 -3.16 -5.70 -16.30
CA LYS A 207 -3.96 -6.42 -17.27
C LYS A 207 -5.32 -5.74 -17.53
N GLY A 208 -5.53 -4.52 -17.02
CA GLY A 208 -6.69 -3.72 -17.37
C GLY A 208 -7.97 -4.07 -16.62
N TYR A 209 -7.87 -4.94 -15.59
CA TYR A 209 -9.02 -5.30 -14.78
C TYR A 209 -9.22 -4.20 -13.74
N LYS A 210 -10.48 -3.86 -13.45
CA LYS A 210 -10.77 -2.77 -12.54
C LYS A 210 -11.02 -3.29 -11.13
N VAL A 211 -10.15 -2.91 -10.20
CA VAL A 211 -10.31 -3.26 -8.80
C VAL A 211 -11.30 -2.30 -8.18
N VAL A 212 -12.45 -2.81 -7.73
CA VAL A 212 -13.49 -1.96 -7.19
C VAL A 212 -13.59 -2.05 -5.66
N GLU A 213 -12.94 -3.06 -5.04
CA GLU A 213 -12.73 -3.11 -3.60
C GLU A 213 -11.36 -3.70 -3.35
N LYS A 214 -10.63 -3.10 -2.39
CA LYS A 214 -9.36 -3.60 -1.92
C LYS A 214 -9.41 -3.48 -0.40
N ILE A 215 -9.86 -4.56 0.25
CA ILE A 215 -10.20 -4.57 1.66
C ILE A 215 -9.16 -5.36 2.48
N SER A 216 -8.63 -4.72 3.54
CA SER A 216 -7.73 -5.36 4.49
C SER A 216 -8.49 -5.58 5.80
N TYR A 217 -8.26 -6.72 6.46
CA TYR A 217 -8.90 -7.00 7.75
C TYR A 217 -7.93 -7.82 8.60
N LYS A 218 -8.20 -7.85 9.92
CA LYS A 218 -7.43 -8.67 10.83
C LYS A 218 -7.98 -10.09 10.91
N ALA A 219 -7.11 -11.10 10.79
CA ALA A 219 -7.53 -12.50 10.77
C ALA A 219 -8.30 -12.91 12.03
N LYS A 220 -8.04 -12.25 13.15
CA LYS A 220 -8.70 -12.63 14.40
C LYS A 220 -10.01 -11.87 14.61
N THR A 221 -10.46 -11.09 13.63
CA THR A 221 -11.70 -10.33 13.78
C THR A 221 -12.90 -11.23 14.07
N THR A 222 -13.82 -10.71 14.89
CA THR A 222 -15.06 -11.43 15.16
C THR A 222 -16.19 -11.01 14.22
N SER A 223 -15.95 -10.02 13.35
CA SER A 223 -16.96 -9.59 12.40
C SER A 223 -16.36 -9.27 11.03
N LEU A 224 -17.02 -9.77 9.98
CA LEU A 224 -16.76 -9.33 8.61
C LEU A 224 -18.02 -8.76 7.98
N SER A 225 -19.02 -8.35 8.79
CA SER A 225 -20.27 -7.93 8.17
C SER A 225 -20.14 -6.61 7.39
N SER A 226 -19.35 -5.64 7.87
CA SER A 226 -19.19 -4.40 7.15
C SER A 226 -18.51 -4.66 5.80
N GLU A 227 -17.50 -5.53 5.82
CA GLU A 227 -16.78 -5.87 4.61
C GLU A 227 -17.69 -6.57 3.58
N VAL A 228 -18.53 -7.51 4.05
CA VAL A 228 -19.41 -8.23 3.16
C VAL A 228 -20.47 -7.28 2.61
N GLN A 229 -20.99 -6.36 3.44
CA GLN A 229 -21.98 -5.40 2.96
C GLN A 229 -21.40 -4.57 1.80
N ARG A 230 -20.14 -4.13 1.96
CA ARG A 230 -19.48 -3.35 0.92
C ARG A 230 -19.29 -4.15 -0.36
N LEU A 231 -18.86 -5.42 -0.23
CA LEU A 231 -18.68 -6.26 -1.41
C LEU A 231 -20.02 -6.56 -2.09
N LYS A 232 -21.10 -6.78 -1.30
CA LYS A 232 -22.38 -7.07 -1.91
C LYS A 232 -22.91 -5.89 -2.72
N ALA A 233 -22.73 -4.69 -2.14
CA ALA A 233 -23.16 -3.45 -2.76
C ALA A 233 -22.41 -3.20 -4.06
N LYS A 234 -21.09 -3.42 -4.05
CA LYS A 234 -20.29 -3.13 -5.24
C LYS A 234 -20.47 -4.23 -6.28
N ASN A 235 -20.62 -5.46 -5.77
CA ASN A 235 -20.87 -6.67 -6.53
C ASN A 235 -19.82 -6.88 -7.63
N PRO A 236 -18.54 -7.05 -7.28
CA PRO A 236 -17.53 -7.33 -8.30
C PRO A 236 -17.82 -8.60 -9.09
N ASP A 237 -17.38 -8.63 -10.35
CA ASP A 237 -17.49 -9.78 -11.23
C ASP A 237 -16.73 -10.97 -10.66
N VAL A 238 -15.58 -10.71 -10.01
CA VAL A 238 -14.76 -11.75 -9.41
C VAL A 238 -14.38 -11.32 -8.01
N LEU A 239 -14.51 -12.26 -7.06
CA LEU A 239 -14.09 -12.08 -5.68
C LEU A 239 -12.78 -12.85 -5.45
N LEU A 240 -11.77 -12.14 -4.89
CA LEU A 240 -10.44 -12.68 -4.69
C LEU A 240 -10.07 -12.59 -3.20
N PRO A 241 -10.44 -13.60 -2.39
CA PRO A 241 -10.09 -13.59 -0.97
C PRO A 241 -8.74 -14.25 -0.69
N SER A 242 -8.03 -13.65 0.28
CA SER A 242 -6.81 -14.23 0.86
C SER A 242 -7.01 -14.26 2.38
N SER A 243 -7.51 -15.39 2.87
CA SER A 243 -7.94 -15.60 4.23
C SER A 243 -7.34 -16.90 4.78
N TYR A 244 -7.04 -16.90 6.10
CA TYR A 244 -6.71 -18.10 6.83
C TYR A 244 -8.02 -18.79 7.25
N THR A 245 -7.90 -19.90 8.00
CA THR A 245 -9.03 -20.79 8.18
C THR A 245 -10.22 -20.15 8.93
N ALA A 246 -10.00 -19.61 10.14
CA ALA A 246 -11.13 -19.09 10.92
C ALA A 246 -11.83 -17.94 10.19
N ASP A 247 -11.05 -17.06 9.55
CA ASP A 247 -11.59 -15.93 8.85
C ASP A 247 -12.29 -16.33 7.55
N ALA A 248 -11.80 -17.40 6.88
CA ALA A 248 -12.51 -17.92 5.72
C ALA A 248 -13.89 -18.40 6.14
N TYR A 249 -13.96 -19.17 7.24
CA TYR A 249 -15.25 -19.66 7.70
C TYR A 249 -16.17 -18.49 8.07
N LEU A 250 -15.64 -17.49 8.78
CA LEU A 250 -16.41 -16.31 9.15
C LEU A 250 -16.92 -15.59 7.91
N PHE A 251 -16.04 -15.43 6.91
CA PHE A 251 -16.41 -14.74 5.69
C PHE A 251 -17.58 -15.45 5.00
N LEU A 252 -17.46 -16.76 4.81
CA LEU A 252 -18.53 -17.51 4.14
C LEU A 252 -19.83 -17.53 4.97
N ASN A 253 -19.72 -17.72 6.26
CA ASN A 253 -20.89 -17.67 7.14
C ASN A 253 -21.60 -16.32 7.07
N THR A 254 -20.80 -15.23 7.02
CA THR A 254 -21.33 -13.88 6.97
C THR A 254 -21.97 -13.63 5.59
N ALA A 255 -21.28 -14.04 4.52
CA ALA A 255 -21.84 -13.96 3.18
C ALA A 255 -23.21 -14.63 3.09
N LYS A 256 -23.36 -15.82 3.66
CA LYS A 256 -24.63 -16.53 3.68
CA LYS A 256 -24.64 -16.52 3.65
C LYS A 256 -25.65 -15.72 4.45
N GLU A 257 -25.25 -15.22 5.64
CA GLU A 257 -26.16 -14.47 6.50
C GLU A 257 -26.67 -13.17 5.85
N LEU A 258 -25.88 -12.57 4.96
CA LEU A 258 -26.27 -11.34 4.30
C LEU A 258 -26.68 -11.57 2.85
N ASP A 259 -26.78 -12.87 2.45
CA ASP A 259 -27.13 -13.28 1.10
C ASP A 259 -26.28 -12.59 0.04
N TYR A 260 -24.96 -12.64 0.24
CA TYR A 260 -24.03 -12.15 -0.75
C TYR A 260 -23.61 -13.31 -1.63
N ASN A 261 -23.89 -13.16 -2.94
CA ASN A 261 -23.75 -14.23 -3.91
C ASN A 261 -22.81 -13.79 -5.02
N PRO A 262 -21.48 -13.90 -4.83
CA PRO A 262 -20.54 -13.66 -5.93
C PRO A 262 -20.70 -14.74 -6.97
N LYS A 263 -20.46 -14.37 -8.24
CA LYS A 263 -20.62 -15.32 -9.32
C LYS A 263 -19.33 -16.18 -9.45
N LEU A 264 -18.18 -15.63 -9.06
CA LEU A 264 -16.90 -16.32 -9.19
C LEU A 264 -16.05 -15.91 -8.00
N LEU A 265 -15.58 -16.91 -7.25
CA LEU A 265 -14.73 -16.69 -6.09
C LEU A 265 -13.49 -17.55 -6.27
N VAL A 266 -12.34 -16.87 -6.40
CA VAL A 266 -11.08 -17.54 -6.68
C VAL A 266 -10.13 -17.21 -5.52
N ALA A 267 -9.95 -18.20 -4.64
CA ALA A 267 -9.24 -18.00 -3.40
C ALA A 267 -7.76 -18.33 -3.54
N GLN A 268 -6.94 -17.61 -2.75
CA GLN A 268 -5.51 -17.88 -2.61
C GLN A 268 -5.30 -19.00 -1.58
N1 SNN A 269 -4.95 -21.21 1.45
C SNN A 269 -5.99 -20.71 0.71
CA SNN A 269 -5.82 -21.20 -0.73
N SNN A 269 -5.99 -20.12 -1.75
C4 SNN A 269 -4.44 -21.88 -0.72
C5 SNN A 269 -4.03 -21.90 0.73
O SNN A 269 -6.91 -20.03 1.12
O5 SNN A 269 -3.05 -22.44 1.21
CA ALA A 270 -4.80 -21.03 2.95
C ALA A 270 -6.07 -21.55 3.61
N GLY A 271 -6.95 -20.69 4.15
CA GLY A 271 -8.15 -21.21 4.80
C GLY A 271 -8.94 -22.12 3.85
N TYR A 272 -8.98 -21.77 2.57
CA TYR A 272 -9.76 -22.50 1.59
C TYR A 272 -9.19 -23.86 1.24
N THR A 273 -7.94 -24.15 1.63
CA THR A 273 -7.39 -25.49 1.50
C THR A 273 -7.05 -26.11 2.85
N ASP A 274 -7.60 -25.59 3.95
CA ASP A 274 -7.46 -26.26 5.22
C ASP A 274 -7.88 -27.70 5.03
N PRO A 275 -7.19 -28.69 5.64
CA PRO A 275 -7.61 -30.07 5.48
C PRO A 275 -9.07 -30.35 5.80
N LYS A 276 -9.67 -29.55 6.69
CA LYS A 276 -11.04 -29.71 7.10
C LYS A 276 -11.98 -28.62 6.57
N PHE A 277 -11.55 -27.93 5.49
CA PHE A 277 -12.39 -26.87 4.92
C PHE A 277 -13.76 -27.40 4.49
N ILE A 278 -13.78 -28.39 3.60
CA ILE A 278 -15.07 -28.88 3.09
C ILE A 278 -15.83 -29.59 4.21
N ALA A 279 -15.12 -30.35 5.07
CA ALA A 279 -15.80 -31.04 6.16
C ALA A 279 -16.53 -30.04 7.05
N THR A 280 -15.93 -28.87 7.25
CA THR A 280 -16.53 -27.90 8.16
C THR A 280 -17.65 -27.10 7.48
N MET A 281 -17.41 -26.67 6.25
CA MET A 281 -18.31 -25.77 5.56
C MET A 281 -19.45 -26.53 4.90
N GLY A 282 -19.20 -27.78 4.48
CA GLY A 282 -20.22 -28.56 3.77
C GLY A 282 -20.73 -27.84 2.52
N SER A 283 -22.06 -27.76 2.33
CA SER A 283 -22.63 -27.14 1.13
C SER A 283 -22.25 -25.67 1.02
N LYS A 284 -21.83 -25.03 2.11
CA LYS A 284 -21.47 -23.62 2.07
C LYS A 284 -20.28 -23.40 1.15
N ALA A 285 -19.49 -24.46 0.90
CA ALA A 285 -18.27 -24.33 0.11
C ALA A 285 -18.58 -24.53 -1.37
N GLU A 286 -19.78 -24.97 -1.73
CA GLU A 286 -20.05 -25.33 -3.11
CA GLU A 286 -20.07 -25.31 -3.11
C GLU A 286 -19.72 -24.15 -4.05
N GLY A 287 -18.96 -24.46 -5.10
CA GLY A 287 -18.63 -23.52 -6.15
C GLY A 287 -17.33 -22.75 -5.95
N VAL A 288 -16.81 -22.71 -4.71
CA VAL A 288 -15.57 -22.04 -4.39
CA VAL A 288 -15.61 -21.92 -4.55
C VAL A 288 -14.46 -22.60 -5.28
N ILE A 289 -13.57 -21.72 -5.76
CA ILE A 289 -12.36 -22.11 -6.47
C ILE A 289 -11.16 -21.69 -5.64
N THR A 290 -10.14 -22.55 -5.64
CA THR A 290 -8.84 -22.18 -5.06
C THR A 290 -7.72 -22.61 -5.99
N ARG A 291 -6.58 -21.92 -5.84
CA ARG A 291 -5.34 -22.43 -6.38
C ARG A 291 -4.78 -23.52 -5.46
N SER A 292 -4.00 -24.41 -6.06
CA SER A 292 -3.38 -25.51 -5.39
C SER A 292 -2.31 -26.08 -6.29
N PRO A 293 -1.28 -26.73 -5.73
CA PRO A 293 -0.42 -27.60 -6.52
C PRO A 293 -0.85 -29.05 -6.46
N PHE A 294 -1.95 -29.35 -5.81
CA PHE A 294 -2.27 -30.74 -5.49
C PHE A 294 -3.77 -31.01 -5.55
N ASN A 295 -4.10 -32.17 -6.14
CA ASN A 295 -5.41 -32.78 -6.02
C ASN A 295 -5.27 -34.28 -6.23
N THR A 296 -6.05 -35.06 -5.46
CA THR A 296 -6.00 -36.49 -5.61
C THR A 296 -6.54 -36.93 -6.97
N ASP A 297 -7.27 -36.08 -7.69
CA ASP A 297 -7.76 -36.45 -9.02
C ASP A 297 -6.66 -36.38 -10.08
N LEU A 298 -5.44 -36.00 -9.70
CA LEU A 298 -4.27 -36.10 -10.56
C LEU A 298 -3.62 -37.48 -10.54
N ALA A 299 -4.16 -38.42 -9.73
CA ALA A 299 -3.46 -39.68 -9.49
C ALA A 299 -3.41 -40.57 -10.73
N THR A 300 -4.29 -40.42 -11.70
CA THR A 300 -4.09 -41.24 -12.88
C THR A 300 -2.89 -40.70 -13.69
N THR A 301 -2.62 -39.39 -13.62
CA THR A 301 -1.46 -38.80 -14.28
C THR A 301 -0.19 -39.00 -13.44
N ILE A 302 -0.36 -39.02 -12.11
CA ILE A 302 0.73 -39.08 -11.15
C ILE A 302 0.46 -40.18 -10.13
N PRO A 303 0.65 -41.47 -10.49
CA PRO A 303 0.29 -42.55 -9.58
C PRO A 303 1.07 -42.62 -8.27
N MET A 304 2.21 -41.91 -8.18
CA MET A 304 2.92 -41.79 -6.92
C MET A 304 1.99 -41.23 -5.84
N ILE A 305 0.99 -40.40 -6.20
CA ILE A 305 0.09 -39.87 -5.19
C ILE A 305 -0.53 -41.00 -4.37
N GLY A 306 -1.02 -42.05 -5.04
CA GLY A 306 -1.69 -43.14 -4.36
C GLY A 306 -0.72 -43.85 -3.40
N THR A 307 0.52 -44.04 -3.87
CA THR A 307 1.54 -44.72 -3.09
C THR A 307 1.83 -43.97 -1.79
N VAL A 308 2.06 -42.68 -1.91
CA VAL A 308 2.37 -41.88 -0.73
C VAL A 308 1.12 -41.70 0.14
N ASN A 309 -0.05 -41.55 -0.48
CA ASN A 309 -1.26 -41.39 0.30
C ASN A 309 -1.45 -42.54 1.30
N GLU A 310 -1.19 -43.77 0.84
CA GLU A 310 -1.40 -44.95 1.63
C GLU A 310 -0.51 -44.90 2.88
N ILE A 311 0.71 -44.40 2.70
CA ILE A 311 1.65 -44.32 3.82
C ILE A 311 1.27 -43.15 4.71
N PHE A 312 0.86 -42.02 4.11
CA PHE A 312 0.43 -40.86 4.87
C PHE A 312 -0.71 -41.18 5.83
N LYS A 313 -1.67 -41.99 5.36
CA LYS A 313 -2.81 -42.37 6.18
C LYS A 313 -2.39 -43.02 7.49
N THR A 314 -1.24 -43.71 7.53
CA THR A 314 -0.79 -44.41 8.72
C THR A 314 -0.18 -43.42 9.71
N HIS A 315 0.03 -42.17 9.27
CA HIS A 315 0.62 -41.13 10.10
C HIS A 315 -0.41 -40.05 10.42
N SER A 316 -1.52 -39.98 9.69
CA SER A 316 -2.44 -38.84 9.71
C SER A 316 -3.75 -39.20 10.43
N GLY A 317 -3.82 -40.38 11.03
CA GLY A 317 -5.06 -40.90 11.58
C GLY A 317 -6.06 -41.30 10.50
N GLY A 318 -5.58 -41.73 9.32
CA GLY A 318 -6.43 -42.28 8.27
C GLY A 318 -6.98 -41.22 7.32
N ARG A 319 -6.47 -39.99 7.40
CA ARG A 319 -6.99 -38.96 6.52
CA ARG A 319 -6.87 -38.83 6.60
C ARG A 319 -6.09 -38.81 5.29
N ASP A 320 -6.75 -38.51 4.17
CA ASP A 320 -6.10 -38.34 2.89
C ASP A 320 -5.22 -37.10 2.87
N LEU A 321 -4.20 -37.17 1.99
CA LEU A 321 -3.44 -36.01 1.61
C LEU A 321 -4.37 -34.91 1.13
N SER A 322 -3.93 -33.67 1.36
CA SER A 322 -4.50 -32.46 0.81
C SER A 322 -3.35 -31.48 0.53
N ASP A 323 -3.70 -30.26 0.14
CA ASP A 323 -2.75 -29.26 -0.34
C ASP A 323 -1.49 -29.16 0.55
N VAL A 324 -1.69 -28.78 1.82
CA VAL A 324 -0.57 -28.41 2.65
C VAL A 324 0.32 -29.62 2.93
N PRO A 325 -0.22 -30.79 3.32
CA PRO A 325 0.66 -31.94 3.49
C PRO A 325 1.42 -32.38 2.24
N ALA A 326 0.76 -32.25 1.07
CA ALA A 326 1.44 -32.57 -0.19
C ALA A 326 2.62 -31.63 -0.42
N ARG A 327 2.42 -30.34 -0.18
CA ARG A 327 3.50 -29.38 -0.29
C ARG A 327 4.60 -29.58 0.75
N ALA A 328 4.25 -29.84 2.01
CA ALA A 328 5.24 -30.10 3.05
C ALA A 328 6.05 -31.36 2.78
N PHE A 329 5.38 -32.43 2.33
CA PHE A 329 6.05 -33.67 1.98
C PHE A 329 7.09 -33.43 0.90
N THR A 330 6.70 -32.64 -0.11
CA THR A 330 7.55 -32.37 -1.26
C THR A 330 8.77 -31.55 -0.80
N GLY A 331 8.52 -30.56 0.04
CA GLY A 331 9.57 -29.71 0.55
C GLY A 331 10.57 -30.50 1.37
N PHE A 332 10.06 -31.37 2.25
CA PHE A 332 10.93 -32.11 3.14
C PHE A 332 11.78 -33.11 2.34
N MET A 333 11.21 -33.74 1.30
CA MET A 333 11.96 -34.59 0.40
CA MET A 333 11.99 -34.61 0.46
C MET A 333 13.08 -33.83 -0.29
N ALA A 334 12.85 -32.57 -0.69
CA ALA A 334 13.93 -31.79 -1.28
C ALA A 334 15.09 -31.65 -0.30
N LEU A 335 14.77 -31.26 0.94
CA LEU A 335 15.81 -31.12 1.95
C LEU A 335 16.57 -32.43 2.20
N ALA A 336 15.83 -33.55 2.33
CA ALA A 336 16.44 -34.84 2.57
C ALA A 336 17.37 -35.23 1.43
N ASN A 337 16.91 -35.04 0.20
CA ASN A 337 17.75 -35.35 -0.96
C ASN A 337 19.00 -34.49 -0.99
N ALA A 338 18.89 -33.20 -0.64
CA ALA A 338 20.07 -32.35 -0.57
C ALA A 338 21.09 -32.87 0.45
N ILE A 339 20.62 -33.26 1.64
CA ILE A 339 21.53 -33.76 2.65
C ILE A 339 22.22 -35.03 2.15
N ASN A 340 21.42 -35.93 1.57
CA ASN A 340 21.95 -37.18 1.01
C ASN A 340 23.07 -36.88 0.00
N ASN A 341 22.79 -35.93 -0.91
CA ASN A 341 23.70 -35.59 -1.97
C ASN A 341 24.96 -34.94 -1.42
N ALA A 342 24.81 -34.14 -0.33
CA ALA A 342 25.95 -33.50 0.30
C ALA A 342 26.92 -34.53 0.86
N GLY A 343 26.38 -35.67 1.28
CA GLY A 343 27.20 -36.67 1.95
C GLY A 343 27.77 -36.16 3.28
N SER A 344 27.10 -35.17 3.90
CA SER A 344 27.58 -34.47 5.08
C SER A 344 26.37 -33.85 5.81
N THR A 345 26.50 -33.65 7.12
CA THR A 345 25.55 -32.84 7.87
C THR A 345 26.06 -31.40 8.11
N ASP A 346 27.22 -31.03 7.54
CA ASP A 346 27.75 -29.69 7.68
C ASP A 346 26.79 -28.69 7.04
N PRO A 347 26.29 -27.68 7.77
CA PRO A 347 25.29 -26.77 7.22
C PRO A 347 25.70 -26.11 5.91
N GLU A 348 26.98 -25.79 5.74
CA GLU A 348 27.43 -25.16 4.49
C GLU A 348 27.35 -26.13 3.33
N LYS A 349 27.63 -27.42 3.57
CA LYS A 349 27.59 -28.43 2.52
C LYS A 349 26.13 -28.74 2.20
N ILE A 350 25.26 -28.73 3.22
CA ILE A 350 23.83 -28.86 2.94
C ILE A 350 23.36 -27.69 2.06
N ARG A 351 23.74 -26.48 2.42
CA ARG A 351 23.37 -25.32 1.63
CA ARG A 351 23.39 -25.32 1.63
C ARG A 351 23.82 -25.50 0.18
N GLN A 352 25.08 -25.89 0.00
CA GLN A 352 25.59 -26.02 -1.37
C GLN A 352 24.81 -27.11 -2.13
N ALA A 353 24.41 -28.17 -1.44
CA ALA A 353 23.66 -29.24 -2.09
C ALA A 353 22.26 -28.76 -2.50
N LEU A 354 21.66 -27.87 -1.71
CA LEU A 354 20.40 -27.24 -2.10
C LEU A 354 20.63 -26.36 -3.33
N VAL A 355 21.73 -25.60 -3.38
CA VAL A 355 22.05 -24.83 -4.56
C VAL A 355 22.18 -25.75 -5.77
N ASP A 356 22.78 -26.94 -5.58
CA ASP A 356 23.05 -27.85 -6.69
C ASP A 356 21.85 -28.75 -7.04
N LEU A 357 20.80 -28.76 -6.22
CA LEU A 357 19.73 -29.74 -6.41
C LEU A 357 19.03 -29.56 -7.76
N ASP A 358 18.73 -30.68 -8.40
CA ASP A 358 17.97 -30.67 -9.64
C ASP A 358 17.24 -32.00 -9.78
N MET A 359 16.11 -32.09 -9.06
CA MET A 359 15.32 -33.29 -9.04
C MET A 359 14.37 -33.26 -10.23
N SER A 360 14.21 -34.43 -10.86
CA SER A 360 13.18 -34.58 -11.88
C SER A 360 11.82 -34.63 -11.21
N SER A 361 10.78 -34.69 -12.06
CA SER A 361 9.41 -34.80 -11.58
C SER A 361 9.06 -36.24 -11.22
N ASP A 362 9.95 -37.20 -11.46
CA ASP A 362 9.51 -38.59 -11.46
C ASP A 362 8.98 -39.04 -10.09
N SER A 363 9.58 -38.56 -9.01
CA SER A 363 9.25 -38.98 -7.65
C SER A 363 8.12 -38.16 -7.03
N LEU A 364 7.59 -37.14 -7.73
CA LEU A 364 6.77 -36.14 -7.06
C LEU A 364 5.29 -36.54 -6.99
N ILE A 365 4.59 -35.95 -6.00
CA ILE A 365 3.15 -36.11 -5.86
C ILE A 365 2.39 -34.84 -6.25
N VAL A 366 3.10 -33.89 -6.85
CA VAL A 366 2.56 -32.63 -7.36
C VAL A 366 3.04 -32.50 -8.81
N PRO A 367 2.31 -31.77 -9.66
CA PRO A 367 2.65 -31.67 -11.08
C PRO A 367 3.74 -30.64 -11.39
N TYR A 368 4.68 -30.44 -10.46
CA TYR A 368 5.85 -29.63 -10.79
C TYR A 368 6.65 -30.35 -11.89
N ARG A 369 7.51 -29.59 -12.60
CA ARG A 369 8.44 -30.18 -13.53
C ARG A 369 9.70 -30.74 -12.87
N GLY A 370 9.86 -30.50 -11.56
CA GLY A 370 10.99 -30.97 -10.80
C GLY A 370 11.17 -30.03 -9.60
N ILE A 371 12.38 -30.07 -9.01
CA ILE A 371 12.77 -29.15 -7.94
C ILE A 371 14.18 -28.69 -8.26
N LYS A 372 14.29 -27.38 -8.50
CA LYS A 372 15.55 -26.77 -8.87
C LYS A 372 15.47 -25.31 -8.49
N PHE A 373 16.35 -24.85 -7.60
CA PHE A 373 16.23 -23.50 -7.06
C PHE A 373 17.04 -22.49 -7.88
N GLY A 374 16.47 -21.30 -8.05
CA GLY A 374 17.19 -20.19 -8.63
C GLY A 374 18.12 -19.54 -7.60
N ALA A 375 18.86 -18.54 -8.06
CA ALA A 375 19.81 -17.81 -7.19
C ALA A 375 19.13 -17.14 -6.00
N ASP A 376 17.81 -16.88 -6.11
CA ASP A 376 17.03 -16.27 -5.05
C ASP A 376 16.45 -17.32 -4.09
N GLY A 377 16.73 -18.61 -4.33
CA GLY A 377 16.25 -19.69 -3.47
C GLY A 377 14.85 -20.20 -3.84
N GLN A 378 14.26 -19.64 -4.90
CA GLN A 378 12.92 -20.08 -5.26
C GLN A 378 13.00 -21.23 -6.25
N ASN A 379 12.17 -22.25 -6.04
CA ASN A 379 12.03 -23.37 -6.95
C ASN A 379 11.50 -22.84 -8.28
N GLU A 380 12.24 -23.10 -9.37
CA GLU A 380 11.95 -22.61 -10.71
C GLU A 380 10.95 -23.51 -11.44
N LYS A 381 10.76 -24.76 -10.98
CA LYS A 381 10.05 -25.77 -11.75
C LYS A 381 8.63 -25.99 -11.25
N THR A 382 8.06 -25.01 -10.54
CA THR A 382 6.73 -25.22 -10.00
C THR A 382 5.65 -24.99 -11.05
N ARG A 383 4.48 -25.49 -10.68
CA ARG A 383 3.30 -25.43 -11.50
C ARG A 383 2.10 -25.55 -10.58
N GLY A 384 0.99 -24.87 -10.89
CA GLY A 384 -0.21 -25.04 -10.09
C GLY A 384 -1.44 -25.34 -10.93
N ILE A 385 -2.57 -25.54 -10.21
CA ILE A 385 -3.86 -25.85 -10.79
C ILE A 385 -4.90 -24.96 -10.08
N LEU A 386 -6.08 -24.82 -10.66
CA LEU A 386 -7.25 -24.33 -9.96
C LEU A 386 -8.23 -25.48 -9.80
N MET A 387 -8.87 -25.51 -8.64
CA MET A 387 -9.82 -26.57 -8.34
C MET A 387 -11.06 -25.96 -7.67
N GLN A 388 -12.22 -26.56 -7.95
CA GLN A 388 -13.51 -26.03 -7.55
C GLN A 388 -14.24 -27.08 -6.72
N VAL A 389 -14.94 -26.63 -5.66
CA VAL A 389 -15.79 -27.52 -4.89
C VAL A 389 -17.04 -27.87 -5.71
N GLN A 390 -17.17 -29.14 -6.02
CA GLN A 390 -18.35 -29.64 -6.72
C GLN A 390 -18.75 -30.96 -6.05
N ASP A 391 -20.00 -31.00 -5.53
CA ASP A 391 -20.58 -32.18 -4.92
C ASP A 391 -19.65 -32.71 -3.83
N GLY A 392 -19.13 -31.80 -3.00
CA GLY A 392 -18.48 -32.20 -1.77
C GLY A 392 -16.98 -32.49 -1.87
N LYS A 393 -16.37 -32.20 -3.03
CA LYS A 393 -14.95 -32.49 -3.23
C LYS A 393 -14.37 -31.38 -4.09
N TYR A 394 -13.09 -31.03 -3.90
CA TYR A 394 -12.41 -30.20 -4.87
C TYR A 394 -12.07 -30.98 -6.12
N CYS A 395 -12.35 -30.38 -7.29
CA CYS A 395 -12.15 -30.99 -8.59
C CYS A 395 -11.33 -30.04 -9.45
N THR A 396 -10.30 -30.55 -10.13
CA THR A 396 -9.47 -29.70 -10.98
C THR A 396 -10.32 -29.16 -12.14
N VAL A 397 -10.30 -27.83 -12.32
CA VAL A 397 -11.02 -27.16 -13.40
C VAL A 397 -10.10 -26.39 -14.36
N TYR A 398 -8.82 -26.21 -14.00
CA TYR A 398 -7.89 -25.45 -14.83
C TYR A 398 -6.47 -25.83 -14.43
N PRO A 399 -5.55 -25.57 -15.42
N PRO A 399 -5.47 -26.29 -15.23
CA PRO A 399 -5.88 -25.22 -16.83
CA PRO A 399 -5.49 -26.22 -16.68
C PRO A 399 -6.91 -26.09 -17.58
C PRO A 399 -6.26 -27.37 -17.30
N PHE A 400 -7.56 -25.56 -18.64
N PHE A 400 -6.54 -27.16 -18.58
CA PHE A 400 -8.74 -26.24 -19.21
CA PHE A 400 -7.40 -28.03 -19.38
C PHE A 400 -8.29 -27.59 -19.81
C PHE A 400 -6.90 -29.47 -19.33
N GLU A 401 -7.00 -27.71 -20.20
N GLU A 401 -5.56 -29.65 -19.37
CA GLU A 401 -6.43 -28.98 -20.66
CA GLU A 401 -4.92 -30.95 -19.58
C GLU A 401 -6.15 -30.02 -19.55
C GLU A 401 -5.02 -31.78 -18.30
N LEU A 402 -6.22 -29.75 -18.21
N LEU A 402 -5.30 -31.06 -17.22
CA LEU A 402 -5.77 -30.69 -17.14
CA LEU A 402 -5.64 -31.71 -15.99
C LEU A 402 -6.83 -31.11 -16.10
C LEU A 402 -7.13 -31.49 -15.69
N ALA A 403 -8.03 -30.76 -16.46
CA ALA A 403 -9.31 -30.59 -15.76
C ALA A 403 -10.03 -31.92 -15.67
N ALA A 404 -10.62 -32.19 -14.49
CA ALA A 404 -11.43 -33.37 -14.24
C ALA A 404 -12.90 -33.09 -14.51
N CYS A 405 -13.28 -31.82 -14.65
CA CYS A 405 -14.66 -31.49 -14.91
C CYS A 405 -14.79 -30.04 -15.35
N LYS A 406 -15.98 -29.71 -15.84
CA LYS A 406 -16.34 -28.39 -16.33
C LYS A 406 -16.48 -27.44 -15.17
N LEU A 407 -16.03 -26.20 -15.39
CA LEU A 407 -16.25 -25.11 -14.45
C LEU A 407 -17.74 -24.91 -14.23
N GLN A 408 -18.13 -24.70 -12.97
CA GLN A 408 -19.47 -24.27 -12.60
C GLN A 408 -19.48 -22.75 -12.47
N TYR A 409 -20.18 -22.11 -13.41
CA TYR A 409 -20.33 -20.67 -13.42
C TYR A 409 -21.73 -20.32 -13.87
N PRO A 410 -22.45 -19.44 -13.19
CA PRO A 410 -22.02 -18.80 -11.93
C PRO A 410 -22.02 -19.77 -10.76
N MET A 411 -21.37 -19.36 -9.67
CA MET A 411 -21.45 -20.10 -8.43
CA MET A 411 -21.45 -20.07 -8.41
C MET A 411 -22.91 -20.18 -8.04
N PRO A 412 -23.37 -21.29 -7.48
CA PRO A 412 -24.75 -21.31 -7.02
C PRO A 412 -24.97 -20.26 -5.93
N THR A 413 -26.20 -19.80 -5.82
CA THR A 413 -26.56 -18.89 -4.75
C THR A 413 -26.75 -19.69 -3.46
N TRP A 414 -26.76 -19.00 -2.32
CA TRP A 414 -26.97 -19.71 -1.05
C TRP A 414 -28.20 -20.61 -1.12
N SER A 415 -29.26 -20.11 -1.73
CA SER A 415 -30.50 -20.85 -1.77
C SER A 415 -30.41 -22.11 -2.64
N GLN A 416 -29.42 -22.18 -3.53
CA GLN A 416 -29.24 -23.30 -4.43
C GLN A 416 -28.20 -24.29 -3.93
N LYS A 417 -27.40 -23.94 -2.92
CA LYS A 417 -26.34 -24.84 -2.47
C LYS A 417 -26.89 -26.03 -1.67
N ALA B 22 -24.21 44.03 -18.34
CA ALA B 22 -23.35 43.70 -17.17
C ALA B 22 -23.93 42.50 -16.43
N GLU B 23 -23.07 41.49 -16.21
CA GLU B 23 -23.52 40.23 -15.64
C GLU B 23 -22.63 39.85 -14.46
N ASN B 24 -23.25 39.68 -13.29
CA ASN B 24 -22.56 39.21 -12.12
C ASN B 24 -22.37 37.70 -12.18
N VAL B 25 -21.45 37.19 -11.37
CA VAL B 25 -21.18 35.76 -11.35
C VAL B 25 -20.96 35.32 -9.91
N LYS B 26 -21.47 34.13 -9.61
CA LYS B 26 -21.43 33.58 -8.26
C LYS B 26 -20.54 32.34 -8.26
N ILE B 27 -19.60 32.28 -7.30
CA ILE B 27 -18.64 31.17 -7.15
C ILE B 27 -18.83 30.55 -5.76
N GLY B 28 -18.88 29.21 -5.69
CA GLY B 28 -18.88 28.53 -4.41
C GLY B 28 -17.46 28.34 -3.86
N VAL B 29 -17.34 28.49 -2.54
CA VAL B 29 -16.06 28.43 -1.85
C VAL B 29 -16.19 27.51 -0.63
N LEU B 30 -15.40 26.43 -0.56
CA LEU B 30 -15.52 25.44 0.51
C LEU B 30 -14.19 25.27 1.20
N TYR B 31 -14.17 25.47 2.51
CA TYR B 31 -12.95 25.37 3.30
C TYR B 31 -13.31 24.86 4.71
N PRO B 32 -12.31 24.40 5.49
CA PRO B 32 -12.54 24.02 6.88
C PRO B 32 -12.42 25.28 7.76
N LEU B 33 -13.52 25.69 8.37
CA LEU B 33 -13.56 26.97 9.11
C LEU B 33 -13.77 26.76 10.60
N THR B 34 -13.98 25.48 10.96
CA THR B 34 -13.98 25.04 12.33
C THR B 34 -13.15 23.78 12.43
N GLY B 35 -12.82 23.41 13.66
CA GLY B 35 -12.05 22.21 13.90
C GLY B 35 -10.55 22.51 13.92
N PRO B 36 -9.71 21.45 13.83
CA PRO B 36 -8.26 21.61 14.08
C PRO B 36 -7.50 22.49 13.11
N VAL B 37 -8.03 22.72 11.90
CA VAL B 37 -7.30 23.50 10.91
C VAL B 37 -8.07 24.80 10.60
N ALA B 38 -8.94 25.27 11.50
CA ALA B 38 -9.80 26.42 11.24
C ALA B 38 -9.04 27.67 10.78
N GLN B 39 -7.85 27.96 11.30
CA GLN B 39 -7.20 29.21 10.89
C GLN B 39 -6.77 29.14 9.42
N VAL B 40 -6.47 27.93 8.94
CA VAL B 40 -6.18 27.74 7.52
C VAL B 40 -7.36 28.21 6.67
N GLY B 41 -8.55 27.70 6.99
CA GLY B 41 -9.72 28.04 6.20
C GLY B 41 -10.11 29.50 6.35
N LYS B 42 -10.02 30.05 7.56
CA LYS B 42 -10.38 31.43 7.75
C LYS B 42 -9.46 32.34 6.92
N ASP B 43 -8.16 32.04 6.96
CA ASP B 43 -7.21 32.87 6.23
C ASP B 43 -7.37 32.68 4.72
N ALA B 44 -7.69 31.46 4.26
CA ALA B 44 -7.95 31.21 2.85
C ALA B 44 -9.16 32.01 2.38
N VAL B 45 -10.22 32.04 3.18
CA VAL B 45 -11.39 32.84 2.82
C VAL B 45 -11.02 34.32 2.81
N ALA B 46 -10.21 34.79 3.79
CA ALA B 46 -9.77 36.18 3.77
C ALA B 46 -8.98 36.50 2.51
N ALA B 47 -8.20 35.53 1.99
CA ALA B 47 -7.45 35.71 0.75
C ALA B 47 -8.39 35.84 -0.45
N VAL B 48 -9.46 35.06 -0.48
CA VAL B 48 -10.43 35.19 -1.54
C VAL B 48 -11.10 36.56 -1.48
N GLN B 49 -11.44 37.01 -0.26
CA GLN B 49 -12.05 38.33 -0.09
C GLN B 49 -11.10 39.43 -0.56
N THR B 50 -9.79 39.18 -0.39
CA THR B 50 -8.78 40.13 -0.79
C THR B 50 -8.80 40.23 -2.33
N ALA B 51 -8.81 39.07 -2.98
CA ALA B 51 -8.97 39.05 -4.43
C ALA B 51 -10.26 39.77 -4.87
N LEU B 52 -11.38 39.48 -4.21
CA LEU B 52 -12.63 40.12 -4.62
C LEU B 52 -12.55 41.64 -4.49
N ASP B 53 -11.88 42.13 -3.45
CA ASP B 53 -11.68 43.55 -3.26
C ASP B 53 -10.91 44.13 -4.45
N ILE B 54 -9.79 43.51 -4.79
CA ILE B 54 -8.97 43.95 -5.92
C ILE B 54 -9.81 43.92 -7.20
N ILE B 55 -10.66 42.91 -7.39
CA ILE B 55 -11.42 42.72 -8.62
C ILE B 55 -12.59 43.70 -8.70
N ASN B 56 -13.47 43.65 -7.69
CA ASN B 56 -14.77 44.32 -7.74
C ASN B 56 -14.67 45.83 -7.51
N ASN B 57 -13.55 46.29 -6.95
CA ASN B 57 -13.34 47.72 -6.72
C ASN B 57 -12.18 48.15 -7.59
N SER B 58 -12.11 49.45 -7.84
CA SER B 58 -11.04 50.02 -8.64
C SER B 58 -9.82 50.26 -7.76
N HIS B 59 -8.69 49.66 -8.15
CA HIS B 59 -7.43 49.79 -7.43
C HIS B 59 -6.32 50.12 -8.41
N ASN B 60 -5.44 51.01 -7.98
CA ASN B 60 -4.28 51.40 -8.74
C ASN B 60 -3.10 50.46 -8.44
N ILE B 61 -3.02 49.32 -9.15
CA ILE B 61 -1.94 48.37 -8.91
C ILE B 61 -1.29 47.98 -10.25
N PRO B 62 -0.20 48.65 -10.64
CA PRO B 62 0.53 48.29 -11.85
C PRO B 62 0.94 46.82 -11.81
N GLY B 63 0.66 46.13 -12.91
CA GLY B 63 1.09 44.77 -13.09
C GLY B 63 0.06 43.74 -12.63
N MET B 64 -1.05 44.21 -12.04
CA MET B 64 -2.11 43.34 -11.53
C MET B 64 -3.33 43.42 -12.44
N PRO B 65 -3.60 42.38 -13.27
CA PRO B 65 -4.85 42.33 -14.03
C PRO B 65 -6.05 42.37 -13.09
N LEU B 66 -7.12 43.00 -13.57
CA LEU B 66 -8.40 43.09 -12.89
C LEU B 66 -8.45 44.18 -11.81
N ALA B 67 -7.31 44.78 -11.46
CA ALA B 67 -7.25 45.77 -10.40
C ALA B 67 -7.97 47.07 -10.79
N LYS B 68 -7.59 47.64 -11.94
CA LYS B 68 -7.98 48.98 -12.36
C LYS B 68 -9.50 49.11 -12.55
N ASP B 69 -10.12 48.10 -13.22
CA ASP B 69 -11.56 48.10 -13.48
C ASP B 69 -12.36 47.69 -12.22
N ALA B 70 -13.50 48.34 -11.98
CA ALA B 70 -14.40 47.95 -10.91
C ALA B 70 -15.33 46.88 -11.46
N GLY B 71 -15.07 45.61 -11.11
CA GLY B 71 -15.72 44.48 -11.74
C GLY B 71 -15.02 44.07 -13.02
N LEU B 72 -15.49 42.95 -13.61
CA LEU B 72 -14.81 42.34 -14.75
C LEU B 72 -15.22 43.01 -16.06
N LYS B 73 -14.23 43.52 -16.80
CA LYS B 73 -14.48 44.13 -18.08
C LYS B 73 -15.14 43.13 -19.04
N GLY B 74 -14.73 41.85 -18.99
CA GLY B 74 -15.30 40.86 -19.88
C GLY B 74 -16.77 40.57 -19.58
N LEU B 75 -17.22 40.94 -18.37
CA LEU B 75 -18.62 40.80 -18.00
C LEU B 75 -19.30 42.17 -17.98
N GLY B 76 -18.71 43.16 -18.67
CA GLY B 76 -19.32 44.47 -18.74
C GLY B 76 -19.44 45.15 -17.38
N GLY B 77 -18.44 44.91 -16.51
CA GLY B 77 -18.42 45.46 -15.17
C GLY B 77 -19.11 44.57 -14.12
N GLY B 78 -19.53 43.35 -14.48
CA GLY B 78 -20.19 42.51 -13.50
C GLY B 78 -19.25 42.14 -12.34
N LYS B 79 -19.84 41.91 -11.16
CA LYS B 79 -19.10 41.65 -9.95
C LYS B 79 -19.11 40.15 -9.66
N ILE B 80 -18.05 39.72 -8.99
CA ILE B 80 -17.95 38.37 -8.45
C ILE B 80 -18.49 38.36 -7.04
N SER B 81 -19.41 37.41 -6.78
CA SER B 81 -19.76 37.10 -5.40
C SER B 81 -19.42 35.64 -5.11
N ILE B 82 -19.29 35.36 -3.80
CA ILE B 82 -19.04 34.01 -3.32
C ILE B 82 -20.11 33.60 -2.32
N VAL B 83 -20.35 32.28 -2.29
CA VAL B 83 -21.06 31.63 -1.21
C VAL B 83 -20.05 30.70 -0.54
N VAL B 84 -19.95 30.78 0.78
CA VAL B 84 -18.93 30.09 1.55
C VAL B 84 -19.58 29.02 2.38
N GLY B 85 -18.97 27.84 2.36
CA GLY B 85 -19.37 26.73 3.20
C GLY B 85 -18.20 26.21 4.02
N ASP B 86 -18.51 25.81 5.25
CA ASP B 86 -17.58 25.15 6.15
C ASP B 86 -17.79 23.63 6.06
N HIS B 87 -16.80 22.92 5.51
CA HIS B 87 -16.93 21.47 5.38
C HIS B 87 -16.45 20.68 6.59
N GLY B 88 -15.80 21.34 7.54
CA GLY B 88 -15.39 20.71 8.78
C GLY B 88 -14.36 19.61 8.61
N GLY B 89 -13.70 19.56 7.44
CA GLY B 89 -12.75 18.50 7.10
C GLY B 89 -13.41 17.17 6.75
N LYS B 90 -14.72 17.17 6.49
CA LYS B 90 -15.43 15.91 6.23
C LYS B 90 -15.83 15.83 4.76
N PRO B 91 -15.29 14.86 3.99
CA PRO B 91 -15.66 14.74 2.57
C PRO B 91 -17.16 14.68 2.31
N ASP B 92 -17.91 13.93 3.14
CA ASP B 92 -19.35 13.83 2.89
C ASP B 92 -20.05 15.19 3.06
N ILE B 93 -19.60 16.00 4.03
CA ILE B 93 -20.20 17.30 4.22
C ILE B 93 -19.84 18.20 3.04
N GLY B 94 -18.62 18.10 2.55
CA GLY B 94 -18.22 18.90 1.41
C GLY B 94 -19.01 18.53 0.16
N VAL B 95 -19.31 17.25 -0.03
CA VAL B 95 -20.13 16.79 -1.12
C VAL B 95 -21.54 17.39 -1.04
N GLY B 96 -22.16 17.34 0.15
CA GLY B 96 -23.49 17.87 0.35
C GLY B 96 -23.54 19.38 0.12
N GLU B 97 -22.51 20.09 0.62
CA GLU B 97 -22.45 21.54 0.45
C GLU B 97 -22.23 21.89 -1.03
N THR B 98 -21.45 21.11 -1.77
CA THR B 98 -21.23 21.37 -3.18
C THR B 98 -22.54 21.19 -3.94
N GLU B 99 -23.26 20.11 -3.63
CA GLU B 99 -24.55 19.87 -4.28
C GLU B 99 -25.49 21.05 -4.04
N LYS B 100 -25.55 21.56 -2.81
CA LYS B 100 -26.42 22.70 -2.53
C LYS B 100 -25.97 23.96 -3.25
N MET B 101 -24.67 24.23 -3.29
CA MET B 101 -24.18 25.38 -4.03
C MET B 101 -24.52 25.27 -5.51
N LEU B 102 -24.42 24.06 -6.07
CA LEU B 102 -24.76 23.86 -7.47
C LEU B 102 -26.25 24.01 -7.69
N ASN B 103 -27.07 23.43 -6.82
CA ASN B 103 -28.48 23.21 -7.12
C ASN B 103 -29.39 24.34 -6.60
N SER B 104 -29.06 24.91 -5.43
CA SER B 104 -29.82 25.97 -4.77
C SER B 104 -29.21 27.33 -5.11
N ASP B 105 -27.89 27.50 -4.90
CA ASP B 105 -27.27 28.80 -5.08
C ASP B 105 -26.97 29.09 -6.55
N LYS B 106 -26.95 28.03 -7.37
CA LYS B 106 -26.69 28.12 -8.80
C LYS B 106 -25.31 28.73 -9.09
N VAL B 107 -24.29 28.26 -8.41
CA VAL B 107 -22.94 28.76 -8.68
C VAL B 107 -22.49 28.33 -10.08
N HIS B 108 -21.60 29.15 -10.67
CA HIS B 108 -21.10 28.89 -12.01
C HIS B 108 -19.69 28.32 -11.98
N ALA B 109 -19.06 28.26 -10.79
CA ALA B 109 -17.76 27.65 -10.58
C ALA B 109 -17.61 27.36 -9.09
N MET B 110 -16.71 26.43 -8.77
CA MET B 110 -16.36 26.03 -7.42
C MET B 110 -14.88 26.29 -7.16
N PHE B 111 -14.57 26.52 -5.88
CA PHE B 111 -13.21 26.80 -5.44
C PHE B 111 -13.00 26.19 -4.06
N GLY B 112 -11.88 25.51 -3.87
CA GLY B 112 -11.59 24.87 -2.60
C GLY B 112 -10.75 23.61 -2.84
N ALA B 113 -10.49 22.81 -1.80
CA ALA B 113 -11.10 22.87 -0.47
C ALA B 113 -10.12 22.48 0.63
N TYR B 114 -8.82 22.76 0.41
CA TYR B 114 -7.71 22.49 1.31
C TYR B 114 -7.36 20.99 1.35
N TYR B 115 -8.14 20.19 2.08
CA TYR B 115 -7.85 18.76 2.18
C TYR B 115 -8.02 18.09 0.84
N SER B 116 -7.02 17.27 0.47
CA SER B 116 -7.14 16.53 -0.78
C SER B 116 -8.36 15.60 -0.73
N SER B 117 -8.62 14.96 0.41
CA SER B 117 -9.77 14.08 0.53
C SER B 117 -11.08 14.80 0.17
N VAL B 118 -11.25 16.01 0.70
CA VAL B 118 -12.48 16.77 0.50
C VAL B 118 -12.53 17.32 -0.92
N THR B 119 -11.43 17.92 -1.37
CA THR B 119 -11.36 18.42 -2.74
C THR B 119 -11.70 17.30 -3.72
N GLY B 120 -11.15 16.10 -3.49
CA GLY B 120 -11.37 14.99 -4.41
C GLY B 120 -12.86 14.62 -4.47
N ALA B 121 -13.50 14.44 -3.32
CA ALA B 121 -14.88 13.99 -3.32
C ALA B 121 -15.80 15.06 -3.90
N ALA B 122 -15.57 16.31 -3.48
CA ALA B 122 -16.48 17.38 -3.89
C ALA B 122 -16.31 17.70 -5.38
N SER B 123 -15.07 17.66 -5.89
CA SER B 123 -14.83 17.96 -7.29
C SER B 123 -15.38 16.88 -8.23
N GLN B 124 -15.69 15.68 -7.71
CA GLN B 124 -16.34 14.67 -8.54
CA GLN B 124 -16.35 14.65 -8.51
C GLN B 124 -17.79 15.08 -8.80
N VAL B 125 -18.45 15.72 -7.83
CA VAL B 125 -19.80 16.23 -8.00
C VAL B 125 -19.84 17.31 -9.07
N SER B 126 -18.95 18.30 -8.93
CA SER B 126 -18.92 19.38 -9.91
C SER B 126 -18.50 18.88 -11.29
N GLU B 127 -17.63 17.85 -11.34
CA GLU B 127 -17.21 17.28 -12.61
C GLU B 127 -18.42 16.75 -13.37
N ARG B 128 -19.23 15.97 -12.67
CA ARG B 128 -20.41 15.38 -13.25
C ARG B 128 -21.45 16.45 -13.62
N ALA B 129 -21.52 17.56 -12.87
CA ALA B 129 -22.45 18.64 -13.17
C ALA B 129 -21.98 19.48 -14.37
N GLY B 130 -20.68 19.38 -14.70
CA GLY B 130 -20.07 20.20 -15.73
C GLY B 130 -19.83 21.63 -15.30
N ILE B 131 -19.45 21.80 -14.02
CA ILE B 131 -19.15 23.09 -13.43
C ILE B 131 -17.67 23.13 -13.06
N PRO B 132 -16.89 24.09 -13.58
CA PRO B 132 -15.45 24.13 -13.28
C PRO B 132 -15.17 24.29 -11.81
N TRP B 133 -14.15 23.53 -11.38
CA TRP B 133 -13.60 23.57 -10.04
C TRP B 133 -12.14 23.98 -10.13
N VAL B 134 -11.75 25.03 -9.42
CA VAL B 134 -10.37 25.45 -9.33
C VAL B 134 -9.88 25.18 -7.90
N ASN B 135 -8.74 24.51 -7.81
CA ASN B 135 -8.12 24.21 -6.53
C ASN B 135 -6.84 25.02 -6.36
N GLY B 136 -6.71 25.67 -5.20
CA GLY B 136 -5.53 26.48 -4.89
C GLY B 136 -4.47 25.77 -4.05
N GLU B 137 -4.80 24.71 -3.30
CA GLU B 137 -3.86 24.24 -2.28
C GLU B 137 -3.92 22.75 -1.92
N SER B 138 -4.60 21.89 -2.69
CA SER B 138 -4.61 20.48 -2.34
C SER B 138 -3.55 19.78 -3.19
N THR B 139 -2.73 18.92 -2.59
CA THR B 139 -1.52 18.49 -3.29
C THR B 139 -1.39 17.00 -3.60
N SER B 140 -2.41 16.18 -3.35
CA SER B 140 -2.37 14.78 -3.79
C SER B 140 -2.15 14.71 -5.29
N PRO B 141 -1.10 14.04 -5.79
CA PRO B 141 -0.92 13.94 -7.24
C PRO B 141 -2.10 13.30 -7.97
N LYS B 142 -2.84 12.43 -7.30
CA LYS B 142 -3.92 11.72 -7.93
C LYS B 142 -5.09 12.61 -8.34
N LEU B 143 -5.23 13.81 -7.78
CA LEU B 143 -6.37 14.65 -8.11
C LEU B 143 -6.39 15.05 -9.59
N THR B 144 -5.21 15.16 -10.22
CA THR B 144 -5.14 15.52 -11.63
C THR B 144 -4.85 14.33 -12.54
N THR B 145 -5.01 13.09 -12.05
CA THR B 145 -4.84 11.90 -12.90
C THR B 145 -6.14 11.11 -13.00
N ARG B 146 -7.27 11.78 -12.76
CA ARG B 146 -8.57 11.12 -12.76
C ARG B 146 -9.23 11.20 -14.13
N GLY B 147 -8.61 11.91 -15.08
CA GLY B 147 -9.19 12.07 -16.41
C GLY B 147 -10.29 13.12 -16.42
N PHE B 148 -10.32 14.01 -15.43
CA PHE B 148 -11.38 15.01 -15.34
C PHE B 148 -11.14 16.13 -16.35
N LYS B 149 -12.25 16.76 -16.73
CA LYS B 149 -12.29 17.83 -17.72
C LYS B 149 -12.65 19.18 -17.08
N TYR B 150 -13.09 19.19 -15.82
CA TYR B 150 -13.58 20.41 -15.20
C TYR B 150 -12.78 20.76 -13.94
N PHE B 151 -11.62 20.14 -13.76
CA PHE B 151 -10.80 20.31 -12.56
C PHE B 151 -9.46 20.93 -12.96
N PHE B 152 -9.12 22.05 -12.31
CA PHE B 152 -7.91 22.81 -12.60
C PHE B 152 -7.21 23.11 -11.28
N ARG B 153 -5.91 22.79 -11.21
CA ARG B 153 -5.16 22.96 -9.98
C ARG B 153 -3.98 23.92 -10.19
N VAL B 154 -3.92 24.95 -9.35
CA VAL B 154 -2.95 26.03 -9.48
C VAL B 154 -1.71 25.80 -8.61
N THR B 155 -1.86 25.07 -7.50
CA THR B 155 -0.71 24.77 -6.66
C THR B 155 0.12 23.69 -7.31
N PRO B 156 1.43 23.62 -7.00
CA PRO B 156 2.19 22.40 -7.28
C PRO B 156 1.58 21.25 -6.50
N HIS B 157 1.77 20.03 -7.01
CA HIS B 157 1.36 18.85 -6.27
C HIS B 157 2.59 18.23 -5.60
N ASP B 158 2.35 17.16 -4.84
CA ASP B 158 3.41 16.53 -4.05
C ASP B 158 4.43 15.75 -4.88
N GLY B 159 4.16 15.43 -6.14
CA GLY B 159 5.24 14.96 -7.00
C GLY B 159 6.31 16.02 -7.17
N GLU B 160 5.86 17.25 -7.44
CA GLU B 160 6.72 18.39 -7.66
C GLU B 160 7.41 18.82 -6.36
N PHE B 161 6.65 18.92 -5.28
CA PHE B 161 7.26 19.30 -4.02
C PHE B 161 8.23 18.24 -3.49
N THR B 162 7.93 16.97 -3.69
CA THR B 162 8.84 15.92 -3.24
C THR B 162 10.12 15.94 -4.09
N GLN B 163 10.00 16.17 -5.39
CA GLN B 163 11.16 16.36 -6.21
C GLN B 163 12.08 17.45 -5.64
N LEU B 164 11.49 18.56 -5.17
CA LEU B 164 12.28 19.65 -4.62
C LEU B 164 13.02 19.18 -3.35
N MET B 165 12.33 18.40 -2.49
CA MET B 165 12.94 17.90 -1.27
C MET B 165 14.17 17.06 -1.62
N PHE B 166 14.07 16.19 -2.63
CA PHE B 166 15.18 15.33 -3.00
C PHE B 166 16.29 16.09 -3.71
N GLU B 167 15.94 17.13 -4.46
CA GLU B 167 16.99 17.99 -5.02
C GLU B 167 17.83 18.61 -3.91
N PHE B 168 17.14 19.11 -2.89
CA PHE B 168 17.79 19.71 -1.74
C PHE B 168 18.72 18.71 -1.05
N MET B 169 18.21 17.53 -0.75
CA MET B 169 19.00 16.53 -0.07
C MET B 169 20.19 16.10 -0.91
N ASP B 170 19.98 15.93 -2.23
CA ASP B 170 21.10 15.56 -3.08
C ASP B 170 22.18 16.62 -3.05
N ASP B 171 21.77 17.90 -3.15
CA ASP B 171 22.72 19.01 -3.10
CA ASP B 171 22.73 19.00 -3.09
C ASP B 171 23.45 19.03 -1.74
N PHE B 172 22.71 18.79 -0.64
CA PHE B 172 23.33 18.72 0.67
C PHE B 172 24.40 17.62 0.73
N ASN B 173 24.08 16.47 0.15
CA ASN B 173 24.99 15.34 0.14
C ASN B 173 26.27 15.66 -0.63
N THR B 174 26.16 16.42 -1.72
CA THR B 174 27.33 16.83 -2.49
C THR B 174 28.25 17.72 -1.66
N LYS B 175 27.69 18.44 -0.70
CA LYS B 175 28.50 19.39 0.07
C LYS B 175 28.90 18.83 1.44
N ASN B 176 28.31 17.74 1.88
CA ASN B 176 28.44 17.29 3.26
C ASN B 176 28.73 15.78 3.30
N GLY B 177 29.50 15.33 2.32
CA GLY B 177 30.02 13.98 2.37
C GLY B 177 28.99 12.86 2.41
N ASN B 178 27.85 13.03 1.72
CA ASN B 178 26.87 11.97 1.55
C ASN B 178 26.35 11.48 2.89
N LYS B 179 26.14 12.36 3.84
CA LYS B 179 25.73 11.82 5.13
C LYS B 179 24.23 11.55 5.22
N LEU B 180 23.41 12.05 4.28
CA LEU B 180 21.99 11.73 4.32
C LEU B 180 21.72 10.45 3.55
N LYS B 181 21.54 9.33 4.27
CA LYS B 181 21.31 8.05 3.64
C LYS B 181 19.93 7.45 3.97
N THR B 182 19.50 7.57 5.25
CA THR B 182 18.31 6.90 5.73
C THR B 182 17.19 7.93 5.97
N LEU B 183 15.95 7.52 5.65
CA LEU B 183 14.79 8.41 5.74
C LEU B 183 13.73 7.74 6.59
N GLY B 184 13.06 8.54 7.41
CA GLY B 184 11.88 8.08 8.12
C GLY B 184 10.65 8.85 7.67
N ILE B 185 9.70 8.14 7.06
CA ILE B 185 8.46 8.73 6.57
C ILE B 185 7.37 8.46 7.60
N ILE B 186 6.65 9.51 7.98
CA ILE B 186 5.50 9.36 8.87
C ILE B 186 4.40 10.25 8.32
N HIS B 187 3.20 9.68 8.15
CA HIS B 187 2.18 10.40 7.41
C HIS B 187 0.79 10.06 7.93
N GLU B 188 -0.10 11.06 7.88
CA GLU B 188 -1.50 10.81 8.17
C GLU B 188 -2.10 9.92 7.08
N ASP B 189 -3.22 9.25 7.38
CA ASP B 189 -3.62 8.11 6.54
C ASP B 189 -4.77 8.40 5.57
N THR B 190 -5.19 9.67 5.40
CA THR B 190 -6.11 9.98 4.31
C THR B 190 -5.34 10.17 2.98
N LEU B 191 -6.09 10.51 1.93
CA LEU B 191 -5.56 10.62 0.58
C LEU B 191 -4.24 11.41 0.55
N TRP B 192 -4.26 12.60 1.16
CA TRP B 192 -3.09 13.44 1.10
C TRP B 192 -1.84 12.75 1.67
N GLY B 193 -1.87 12.38 2.94
CA GLY B 193 -0.71 11.84 3.61
C GLY B 193 -0.23 10.55 2.95
N ALA B 194 -1.19 9.69 2.60
CA ALA B 194 -0.84 8.42 1.98
C ALA B 194 -0.14 8.65 0.64
N ASP B 195 -0.62 9.61 -0.14
CA ASP B 195 -0.03 9.90 -1.44
CA ASP B 195 0.01 9.85 -1.43
C ASP B 195 1.35 10.56 -1.25
N SER B 196 1.45 11.42 -0.23
CA SER B 196 2.70 12.12 0.04
C SER B 196 3.77 11.12 0.44
N GLY B 197 3.47 10.33 1.46
CA GLY B 197 4.43 9.31 1.88
C GLY B 197 4.77 8.32 0.76
N GLY B 198 3.77 7.94 -0.04
CA GLY B 198 4.03 7.02 -1.14
C GLY B 198 4.94 7.62 -2.20
N THR B 199 4.70 8.90 -2.57
CA THR B 199 5.55 9.62 -3.49
C THR B 199 7.00 9.64 -2.98
N GLN B 200 7.14 9.97 -1.68
CA GLN B 200 8.46 10.01 -1.07
C GLN B 200 9.16 8.64 -1.09
N ASN B 201 8.43 7.57 -0.81
CA ASN B 201 8.99 6.24 -0.72
C ASN B 201 9.46 5.82 -2.12
N THR B 202 8.65 6.07 -3.15
CA THR B 202 9.00 5.74 -4.53
C THR B 202 10.26 6.50 -4.96
N MET B 203 10.29 7.81 -4.68
CA MET B 203 11.44 8.61 -5.08
C MET B 203 12.70 8.21 -4.30
N ALA B 204 12.54 7.86 -3.02
CA ALA B 204 13.66 7.37 -2.23
C ALA B 204 14.35 6.19 -2.91
N LYS B 205 13.54 5.18 -3.26
CA LYS B 205 14.00 3.96 -3.91
C LYS B 205 14.71 4.31 -5.20
N ASP B 206 14.14 5.22 -6.00
CA ASP B 206 14.71 5.60 -7.29
C ASP B 206 16.05 6.33 -7.17
N LYS B 207 16.28 7.05 -6.06
CA LYS B 207 17.45 7.90 -5.88
C LYS B 207 18.45 7.34 -4.87
N GLY B 208 18.23 6.09 -4.45
CA GLY B 208 19.23 5.39 -3.66
C GLY B 208 19.18 5.70 -2.17
N TYR B 209 18.09 6.28 -1.66
CA TYR B 209 17.95 6.50 -0.22
C TYR B 209 17.29 5.28 0.42
N LYS B 210 17.65 4.98 1.66
CA LYS B 210 17.08 3.81 2.32
C LYS B 210 15.94 4.26 3.25
N VAL B 211 14.72 3.78 3.02
CA VAL B 211 13.57 4.11 3.87
C VAL B 211 13.57 3.15 5.06
N VAL B 212 13.78 3.66 6.28
CA VAL B 212 13.96 2.78 7.43
C VAL B 212 12.71 2.77 8.33
N GLU B 213 11.83 3.77 8.16
CA GLU B 213 10.49 3.73 8.74
C GLU B 213 9.52 4.29 7.73
N LYS B 214 8.32 3.68 7.66
CA LYS B 214 7.24 4.16 6.81
C LYS B 214 5.94 3.98 7.61
N ILE B 215 5.59 4.99 8.40
CA ILE B 215 4.56 4.89 9.42
C ILE B 215 3.33 5.69 8.99
N SER B 216 2.16 5.04 9.06
CA SER B 216 0.88 5.63 8.82
C SER B 216 0.17 5.80 10.15
N TYR B 217 -0.56 6.89 10.34
CA TYR B 217 -1.34 7.13 11.56
C TYR B 217 -2.61 7.93 11.20
N LYS B 218 -3.58 7.95 12.12
CA LYS B 218 -4.81 8.71 11.96
C LYS B 218 -4.64 10.13 12.51
N ALA B 219 -5.01 11.14 11.71
CA ALA B 219 -4.79 12.52 12.09
C ALA B 219 -5.46 12.87 13.43
N LYS B 220 -6.55 12.17 13.78
CA LYS B 220 -7.28 12.47 15.01
C LYS B 220 -6.76 11.72 16.23
N THR B 221 -5.64 10.98 16.08
CA THR B 221 -5.10 10.19 17.19
C THR B 221 -4.75 11.08 18.38
N THR B 222 -4.88 10.53 19.61
CA THR B 222 -4.52 11.27 20.79
C THR B 222 -3.10 10.92 21.26
N SER B 223 -2.43 10.00 20.57
CA SER B 223 -1.07 9.60 20.93
C SER B 223 -0.26 9.29 19.68
N LEU B 224 0.97 9.79 19.70
CA LEU B 224 2.01 9.44 18.73
C LEU B 224 3.26 8.88 19.43
N SER B 225 3.10 8.45 20.70
CA SER B 225 4.18 7.97 21.53
C SER B 225 4.88 6.77 20.91
N SER B 226 4.12 5.76 20.47
CA SER B 226 4.79 4.58 19.96
CA SER B 226 4.71 4.56 19.90
C SER B 226 5.51 4.89 18.64
N GLU B 227 4.94 5.78 17.81
CA GLU B 227 5.56 6.15 16.55
C GLU B 227 6.86 6.92 16.79
N VAL B 228 6.84 7.83 17.78
CA VAL B 228 8.04 8.60 18.10
C VAL B 228 9.10 7.67 18.69
N GLN B 229 8.71 6.77 19.60
CA GLN B 229 9.64 5.78 20.14
C GLN B 229 10.34 5.02 19.02
N ARG B 230 9.58 4.59 18.02
CA ARG B 230 10.17 3.83 16.91
C ARG B 230 11.14 4.66 16.09
N LEU B 231 10.75 5.88 15.78
CA LEU B 231 11.61 6.79 15.03
C LEU B 231 12.89 7.09 15.81
N LYS B 232 12.78 7.33 17.12
CA LYS B 232 13.97 7.60 17.91
C LYS B 232 14.92 6.40 17.92
N ALA B 233 14.37 5.18 18.05
CA ALA B 233 15.19 3.97 18.11
C ALA B 233 15.92 3.75 16.78
N LYS B 234 15.22 3.99 15.68
CA LYS B 234 15.80 3.82 14.35
C LYS B 234 16.69 5.00 13.95
N ASN B 235 16.33 6.23 14.37
CA ASN B 235 17.14 7.43 14.20
C ASN B 235 17.55 7.65 12.73
N PRO B 236 16.55 7.86 11.84
CA PRO B 236 16.87 8.17 10.43
C PRO B 236 17.60 9.48 10.31
N ASP B 237 18.42 9.56 9.27
CA ASP B 237 19.15 10.77 8.95
C ASP B 237 18.20 11.91 8.65
N VAL B 238 17.05 11.63 8.02
CA VAL B 238 16.08 12.63 7.67
C VAL B 238 14.68 12.15 8.05
N LEU B 239 13.94 13.03 8.71
CA LEU B 239 12.55 12.78 9.01
C LEU B 239 11.67 13.55 8.04
N LEU B 240 10.69 12.83 7.45
CA LEU B 240 9.79 13.37 6.44
C LEU B 240 8.34 13.19 6.90
N PRO B 241 7.82 14.18 7.68
CA PRO B 241 6.43 14.14 8.13
C PRO B 241 5.45 14.79 7.16
N SER B 242 4.30 14.10 7.04
CA SER B 242 3.11 14.61 6.34
C SER B 242 1.93 14.63 7.31
N SER B 243 1.74 15.78 7.98
CA SER B 243 0.83 15.93 9.10
C SER B 243 -0.04 17.16 8.92
N TYR B 244 -1.30 17.07 9.38
CA TYR B 244 -2.15 18.26 9.52
C TYR B 244 -1.84 18.93 10.85
N THR B 245 -2.57 20.01 11.16
CA THR B 245 -2.17 20.91 12.24
C THR B 245 -2.14 20.24 13.61
N ALA B 246 -3.26 19.63 14.07
CA ALA B 246 -3.27 19.11 15.45
C ALA B 246 -2.23 18.00 15.62
N ASP B 247 -2.12 17.14 14.59
CA ASP B 247 -1.21 16.03 14.60
C ASP B 247 0.25 16.50 14.51
N ALA B 248 0.53 17.60 13.81
CA ALA B 248 1.87 18.17 13.81
C ALA B 248 2.26 18.62 15.22
N TYR B 249 1.34 19.34 15.87
CA TYR B 249 1.59 19.81 17.22
C TYR B 249 1.81 18.62 18.17
N LEU B 250 0.96 17.58 18.06
CA LEU B 250 1.09 16.40 18.89
C LEU B 250 2.45 15.74 18.66
N PHE B 251 2.81 15.59 17.40
CA PHE B 251 4.10 14.99 17.06
C PHE B 251 5.27 15.73 17.70
N LEU B 252 5.33 17.05 17.55
CA LEU B 252 6.46 17.80 18.07
C LEU B 252 6.43 17.79 19.60
N ASN B 253 5.24 17.93 20.20
CA ASN B 253 5.15 17.84 21.65
C ASN B 253 5.65 16.48 22.18
N THR B 254 5.29 15.42 21.47
CA THR B 254 5.67 14.07 21.84
C THR B 254 7.18 13.88 21.66
N ALA B 255 7.74 14.37 20.54
CA ALA B 255 9.17 14.29 20.29
C ALA B 255 9.93 14.98 21.41
N LYS B 256 9.42 16.13 21.87
CA LYS B 256 10.08 16.84 22.94
CA LYS B 256 10.06 16.87 22.96
C LYS B 256 10.02 16.03 24.22
N GLU B 257 8.85 15.47 24.53
CA GLU B 257 8.63 14.69 25.75
C GLU B 257 9.48 13.43 25.81
N LEU B 258 9.83 12.87 24.65
CA LEU B 258 10.64 11.66 24.58
C LEU B 258 12.08 11.97 24.18
N ASP B 259 12.42 13.26 24.06
CA ASP B 259 13.73 13.73 23.65
C ASP B 259 14.22 13.09 22.35
N TYR B 260 13.34 13.10 21.34
CA TYR B 260 13.68 12.66 20.01
C TYR B 260 14.17 13.86 19.24
N ASN B 261 15.42 13.75 18.74
CA ASN B 261 16.15 14.86 18.15
C ASN B 261 16.60 14.49 16.73
N PRO B 262 15.72 14.55 15.72
CA PRO B 262 16.19 14.37 14.35
C PRO B 262 17.12 15.51 13.92
N LYS B 263 18.08 15.19 13.05
CA LYS B 263 19.03 16.19 12.63
C LYS B 263 18.46 17.05 11.50
N LEU B 264 17.50 16.50 10.75
CA LEU B 264 16.92 17.20 9.62
C LEU B 264 15.47 16.74 9.53
N LEU B 265 14.56 17.70 9.50
CA LEU B 265 13.12 17.45 9.44
C LEU B 265 12.58 18.29 8.28
N VAL B 266 12.12 17.61 7.22
CA VAL B 266 11.63 18.26 6.02
C VAL B 266 10.15 17.87 5.85
N ALA B 267 9.27 18.82 6.17
CA ALA B 267 7.84 18.61 6.19
C ALA B 267 7.18 18.94 4.85
N GLN B 268 6.08 18.21 4.60
CA GLN B 268 5.23 18.44 3.45
C GLN B 268 4.21 19.52 3.86
N1 SNN B 269 1.37 21.61 5.23
C SNN B 269 2.57 21.14 5.69
CA SNN B 269 3.66 21.67 4.79
N SNN B 269 4.68 20.65 4.39
C4 SNN B 269 2.91 22.36 3.65
C5 SNN B 269 1.47 22.30 4.06
O SNN B 269 2.73 20.47 6.67
O5 SNN B 269 0.53 22.81 3.50
CA ALA B 270 0.04 21.30 5.87
C ALA B 270 0.12 21.84 7.30
N GLY B 271 0.19 20.98 8.31
CA GLY B 271 0.21 21.50 9.67
C GLY B 271 1.40 22.44 9.91
N TYR B 272 2.52 22.13 9.24
CA TYR B 272 3.75 22.90 9.41
C TYR B 272 3.70 24.28 8.76
N THR B 273 2.67 24.55 7.93
CA THR B 273 2.45 25.88 7.41
C THR B 273 1.09 26.47 7.80
N ASP B 274 0.48 25.91 8.83
CA ASP B 274 -0.70 26.53 9.40
C ASP B 274 -0.32 27.97 9.72
N PRO B 275 -1.22 28.94 9.47
CA PRO B 275 -0.92 30.33 9.79
C PRO B 275 -0.48 30.57 11.23
N LYS B 276 -0.88 29.72 12.18
CA LYS B 276 -0.47 29.86 13.57
C LYS B 276 0.51 28.80 14.05
N PHE B 277 1.20 28.13 13.12
CA PHE B 277 2.15 27.10 13.50
C PHE B 277 3.24 27.65 14.42
N ILE B 278 3.98 28.67 13.98
CA ILE B 278 5.06 29.23 14.81
C ILE B 278 4.50 29.87 16.07
N ALA B 279 3.38 30.60 15.95
CA ALA B 279 2.84 31.25 17.14
C ALA B 279 2.47 30.21 18.20
N THR B 280 2.02 29.02 17.78
CA THR B 280 1.60 28.01 18.72
C THR B 280 2.80 27.25 19.28
N MET B 281 3.72 26.86 18.39
CA MET B 281 4.84 26.03 18.80
C MET B 281 5.97 26.81 19.44
N GLY B 282 6.16 28.08 19.04
CA GLY B 282 7.28 28.86 19.53
C GLY B 282 8.63 28.18 19.28
N SER B 283 9.46 28.09 20.32
CA SER B 283 10.80 27.54 20.20
C SER B 283 10.76 26.08 19.76
N LYS B 284 9.63 25.38 19.99
CA LYS B 284 9.54 23.97 19.62
C LYS B 284 9.70 23.82 18.11
N ALA B 285 9.41 24.88 17.32
CA ALA B 285 9.49 24.77 15.87
C ALA B 285 10.89 25.06 15.33
N GLU B 286 11.84 25.48 16.19
CA GLU B 286 13.14 25.90 15.71
C GLU B 286 13.80 24.80 14.88
N GLY B 287 14.26 25.20 13.68
CA GLY B 287 14.99 24.34 12.78
C GLY B 287 14.16 23.48 11.81
N VAL B 288 12.83 23.41 12.02
CA VAL B 288 11.95 22.67 11.13
C VAL B 288 12.05 23.27 9.75
N ILE B 289 12.06 22.40 8.72
CA ILE B 289 11.99 22.80 7.33
C ILE B 289 10.65 22.37 6.73
N THR B 290 10.08 23.22 5.86
CA THR B 290 8.90 22.83 5.10
C THR B 290 9.06 23.30 3.66
N ARG B 291 8.40 22.59 2.77
CA ARG B 291 8.16 23.12 1.43
C ARG B 291 7.06 24.16 1.47
N SER B 292 7.13 25.05 0.48
CA SER B 292 6.22 26.18 0.41
C SER B 292 6.30 26.78 -0.98
N PRO B 293 5.23 27.39 -1.46
CA PRO B 293 5.30 28.29 -2.61
C PRO B 293 5.44 29.76 -2.26
N PHE B 294 5.64 30.08 -0.98
CA PHE B 294 5.48 31.44 -0.51
C PHE B 294 6.34 31.73 0.72
N ASN B 295 6.95 32.93 0.71
CA ASN B 295 7.51 33.51 1.91
C ASN B 295 7.56 35.02 1.71
N THR B 296 7.29 35.80 2.77
CA THR B 296 7.31 37.26 2.62
C THR B 296 8.73 37.76 2.41
N ASP B 297 9.73 36.92 2.68
CA ASP B 297 11.11 37.34 2.44
C ASP B 297 11.44 37.34 0.94
N LEU B 298 10.52 36.94 0.07
CA LEU B 298 10.71 37.05 -1.38
C LEU B 298 10.28 38.44 -1.90
N ALA B 299 9.84 39.33 -1.00
CA ALA B 299 9.26 40.60 -1.40
C ALA B 299 10.28 41.50 -2.11
N THR B 300 11.58 41.33 -1.87
CA THR B 300 12.53 42.15 -2.60
C THR B 300 12.60 41.69 -4.07
N THR B 301 12.38 40.40 -4.36
CA THR B 301 12.30 39.88 -5.72
C THR B 301 10.90 40.08 -6.32
N ILE B 302 9.88 40.02 -5.47
CA ILE B 302 8.49 40.03 -5.88
C ILE B 302 7.75 41.08 -5.05
N PRO B 303 7.89 42.39 -5.37
CA PRO B 303 7.24 43.43 -4.55
C PRO B 303 5.71 43.44 -4.58
N MET B 304 5.09 42.69 -5.50
CA MET B 304 3.65 42.51 -5.49
C MET B 304 3.22 41.92 -4.15
N ILE B 305 4.11 41.17 -3.49
CA ILE B 305 3.76 40.56 -2.21
C ILE B 305 3.36 41.64 -1.23
N GLY B 306 4.13 42.72 -1.21
CA GLY B 306 3.88 43.81 -0.29
C GLY B 306 2.55 44.48 -0.58
N THR B 307 2.29 44.72 -1.85
CA THR B 307 1.04 45.36 -2.23
C THR B 307 -0.14 44.55 -1.74
N VAL B 308 -0.10 43.25 -2.00
CA VAL B 308 -1.26 42.43 -1.72
C VAL B 308 -1.36 42.19 -0.22
N ASN B 309 -0.21 42.06 0.45
CA ASN B 309 -0.21 41.85 1.89
C ASN B 309 -0.94 42.99 2.61
N GLU B 310 -0.69 44.24 2.20
CA GLU B 310 -1.35 45.38 2.83
C GLU B 310 -2.87 45.27 2.70
N ILE B 311 -3.38 44.81 1.55
CA ILE B 311 -4.81 44.67 1.37
C ILE B 311 -5.35 43.48 2.17
N PHE B 312 -4.61 42.36 2.16
CA PHE B 312 -4.98 41.16 2.90
C PHE B 312 -5.18 41.46 4.39
N LYS B 313 -4.31 42.29 4.96
CA LYS B 313 -4.40 42.62 6.38
C LYS B 313 -5.75 43.28 6.71
N THR B 314 -6.39 43.94 5.73
CA THR B 314 -7.66 44.59 6.02
C THR B 314 -8.79 43.56 6.02
N HIS B 315 -8.53 42.34 5.52
CA HIS B 315 -9.55 41.30 5.49
C HIS B 315 -9.25 40.18 6.49
N SER B 316 -8.04 40.12 7.04
CA SER B 316 -7.59 38.99 7.82
C SER B 316 -7.49 39.33 9.30
N GLY B 317 -8.02 40.50 9.69
CA GLY B 317 -7.88 40.99 11.05
C GLY B 317 -6.46 41.39 11.40
N GLY B 318 -5.69 41.86 10.40
CA GLY B 318 -4.33 42.34 10.60
C GLY B 318 -3.24 41.27 10.53
N ARG B 319 -3.57 40.05 10.07
CA ARG B 319 -2.62 38.94 9.96
C ARG B 319 -1.89 39.05 8.62
N ASP B 320 -0.58 38.77 8.62
CA ASP B 320 0.19 38.68 7.38
C ASP B 320 -0.24 37.46 6.56
N LEU B 321 -0.03 37.57 5.24
CA LEU B 321 -0.06 36.41 4.35
C LEU B 321 0.87 35.32 4.87
N SER B 322 0.46 34.08 4.59
CA SER B 322 1.26 32.88 4.77
C SER B 322 0.94 31.93 3.61
N ASP B 323 1.50 30.71 3.65
CA ASP B 323 1.42 29.74 2.56
C ASP B 323 0.00 29.62 1.95
N VAL B 324 -0.96 29.13 2.75
CA VAL B 324 -2.24 28.75 2.20
C VAL B 324 -2.99 29.97 1.65
N PRO B 325 -3.09 31.11 2.38
CA PRO B 325 -3.70 32.31 1.80
C PRO B 325 -3.05 32.79 0.51
N ALA B 326 -1.73 32.70 0.39
CA ALA B 326 -1.07 33.08 -0.84
C ALA B 326 -1.45 32.15 -1.98
N ARG B 327 -1.51 30.84 -1.71
CA ARG B 327 -1.98 29.90 -2.72
C ARG B 327 -3.45 30.11 -3.10
N ALA B 328 -4.30 30.35 -2.11
CA ALA B 328 -5.73 30.55 -2.38
C ALA B 328 -5.95 31.83 -3.20
N PHE B 329 -5.27 32.91 -2.83
CA PHE B 329 -5.32 34.15 -3.59
C PHE B 329 -4.95 33.93 -5.05
N THR B 330 -3.85 33.18 -5.24
CA THR B 330 -3.30 32.93 -6.56
C THR B 330 -4.32 32.12 -7.37
N GLY B 331 -4.87 31.07 -6.76
CA GLY B 331 -5.82 30.23 -7.44
C GLY B 331 -7.09 30.99 -7.79
N PHE B 332 -7.56 31.84 -6.88
CA PHE B 332 -8.80 32.56 -7.12
C PHE B 332 -8.60 33.59 -8.24
N MET B 333 -7.43 34.24 -8.28
CA MET B 333 -7.12 35.16 -9.38
C MET B 333 -7.07 34.42 -10.73
N ALA B 334 -6.58 33.17 -10.76
CA ALA B 334 -6.60 32.39 -12.00
C ALA B 334 -8.03 32.22 -12.48
N LEU B 335 -8.92 31.79 -11.57
CA LEU B 335 -10.33 31.63 -11.89
C LEU B 335 -10.93 32.95 -12.40
N ALA B 336 -10.69 34.08 -11.71
CA ALA B 336 -11.30 35.34 -12.10
C ALA B 336 -10.79 35.78 -13.47
N ASN B 337 -9.50 35.59 -13.75
CA ASN B 337 -8.96 35.96 -15.06
C ASN B 337 -9.60 35.09 -16.15
N ALA B 338 -9.80 33.81 -15.84
CA ALA B 338 -10.42 32.94 -16.84
C ALA B 338 -11.85 33.41 -17.16
N ILE B 339 -12.63 33.78 -16.14
CA ILE B 339 -13.99 34.26 -16.37
C ILE B 339 -13.94 35.54 -17.20
N ASN B 340 -13.01 36.44 -16.85
CA ASN B 340 -12.85 37.70 -17.56
C ASN B 340 -12.57 37.44 -19.03
N ASN B 341 -11.64 36.53 -19.30
CA ASN B 341 -11.21 36.18 -20.64
C ASN B 341 -12.33 35.51 -21.42
N ALA B 342 -13.16 34.71 -20.73
CA ALA B 342 -14.29 34.05 -21.39
C ALA B 342 -15.28 35.09 -21.90
N GLY B 343 -15.40 36.18 -21.16
CA GLY B 343 -16.41 37.19 -21.49
C GLY B 343 -17.82 36.66 -21.33
N SER B 344 -17.99 35.68 -20.44
CA SER B 344 -19.22 34.91 -20.26
C SER B 344 -19.21 34.27 -18.87
N THR B 345 -20.42 34.05 -18.32
CA THR B 345 -20.56 33.25 -17.11
C THR B 345 -20.98 31.80 -17.41
N ASP B 346 -21.11 31.43 -18.70
CA ASP B 346 -21.46 30.07 -19.11
C ASP B 346 -20.41 29.12 -18.57
N PRO B 347 -20.75 28.11 -17.74
CA PRO B 347 -19.74 27.19 -17.20
C PRO B 347 -18.84 26.55 -18.24
N GLU B 348 -19.37 26.23 -19.42
CA GLU B 348 -18.57 25.63 -20.49
C GLU B 348 -17.53 26.61 -21.03
N LYS B 349 -17.89 27.91 -21.12
CA LYS B 349 -16.97 28.91 -21.65
C LYS B 349 -15.92 29.23 -20.58
N ILE B 350 -16.29 29.14 -19.29
CA ILE B 350 -15.32 29.30 -18.22
C ILE B 350 -14.30 28.16 -18.28
N ARG B 351 -14.79 26.94 -18.46
CA ARG B 351 -13.91 25.78 -18.64
C ARG B 351 -12.94 26.02 -19.81
N GLN B 352 -13.47 26.44 -20.95
CA GLN B 352 -12.62 26.67 -22.11
C GLN B 352 -11.59 27.75 -21.79
N ALA B 353 -11.99 28.79 -21.05
CA ALA B 353 -11.04 29.86 -20.71
C ALA B 353 -9.94 29.36 -19.78
N LEU B 354 -10.27 28.43 -18.88
CA LEU B 354 -9.27 27.83 -18.02
C LEU B 354 -8.28 26.99 -18.84
N VAL B 355 -8.78 26.23 -19.81
CA VAL B 355 -7.94 25.48 -20.75
C VAL B 355 -7.01 26.42 -21.51
N ASP B 356 -7.48 27.62 -21.89
CA ASP B 356 -6.70 28.58 -22.67
C ASP B 356 -5.80 29.50 -21.83
N LEU B 357 -5.99 29.49 -20.51
CA LEU B 357 -5.30 30.45 -19.62
C LEU B 357 -3.79 30.33 -19.75
N ASP B 358 -3.13 31.49 -19.81
CA ASP B 358 -1.67 31.54 -19.86
C ASP B 358 -1.18 32.86 -19.26
N MET B 359 -1.11 32.87 -17.94
CA MET B 359 -0.71 34.04 -17.19
C MET B 359 0.80 34.04 -16.99
N SER B 360 1.39 35.21 -17.16
CA SER B 360 2.80 35.39 -16.86
C SER B 360 2.99 35.45 -15.35
N SER B 361 4.25 35.54 -14.95
CA SER B 361 4.60 35.66 -13.54
C SER B 361 4.41 37.08 -13.02
N ASP B 362 4.11 38.06 -13.87
CA ASP B 362 4.29 39.46 -13.48
C ASP B 362 3.35 39.87 -12.34
N SER B 363 2.13 39.30 -12.29
CA SER B 363 1.14 39.72 -11.32
C SER B 363 1.23 38.93 -10.01
N LEU B 364 2.09 37.91 -9.92
CA LEU B 364 1.94 36.88 -8.90
C LEU B 364 2.66 37.28 -7.60
N ILE B 365 2.18 36.72 -6.48
CA ILE B 365 2.79 36.88 -5.17
C ILE B 365 3.56 35.61 -4.76
N VAL B 366 3.68 34.67 -5.71
CA VAL B 366 4.43 33.45 -5.54
C VAL B 366 5.45 33.37 -6.67
N PRO B 367 6.57 32.63 -6.51
CA PRO B 367 7.59 32.53 -7.54
C PRO B 367 7.32 31.54 -8.66
N TYR B 368 6.04 31.30 -8.94
CA TYR B 368 5.71 30.51 -10.11
C TYR B 368 6.23 31.21 -11.38
N ARG B 369 6.48 30.42 -12.43
CA ARG B 369 6.86 30.99 -13.72
C ARG B 369 5.61 31.52 -14.43
N GLY B 370 4.41 31.20 -13.94
CA GLY B 370 3.17 31.61 -14.57
C GLY B 370 2.05 30.69 -14.10
N ILE B 371 0.89 30.79 -14.76
CA ILE B 371 -0.23 29.89 -14.56
C ILE B 371 -0.74 29.46 -15.94
N LYS B 372 -0.50 28.17 -16.24
CA LYS B 372 -0.90 27.56 -17.48
C LYS B 372 -1.12 26.08 -17.22
N PHE B 373 -2.34 25.59 -17.49
CA PHE B 373 -2.69 24.22 -17.17
C PHE B 373 -2.31 23.29 -18.30
N GLY B 374 -1.76 22.14 -17.93
CA GLY B 374 -1.61 21.06 -18.90
C GLY B 374 -2.98 20.43 -19.18
N ALA B 375 -2.97 19.45 -20.07
CA ALA B 375 -4.21 18.82 -20.52
C ALA B 375 -4.86 18.01 -19.38
N ASP B 376 -4.09 17.69 -18.33
CA ASP B 376 -4.58 16.99 -17.15
C ASP B 376 -5.14 17.96 -16.10
N GLY B 377 -5.08 19.26 -16.37
CA GLY B 377 -5.57 20.29 -15.46
C GLY B 377 -4.58 20.82 -14.45
N GLN B 378 -3.35 20.27 -14.46
CA GLN B 378 -2.34 20.71 -13.51
C GLN B 378 -1.57 21.91 -14.06
N ASN B 379 -1.38 22.92 -13.22
CA ASN B 379 -0.50 24.03 -13.55
C ASN B 379 0.90 23.50 -13.82
N GLU B 380 1.42 23.82 -15.01
CA GLU B 380 2.72 23.31 -15.48
C GLU B 380 3.83 24.30 -15.15
N LYS B 381 3.51 25.49 -14.60
CA LYS B 381 4.49 26.57 -14.48
C LYS B 381 4.79 26.89 -13.02
N THR B 382 4.64 25.92 -12.12
CA THR B 382 4.85 26.20 -10.71
C THR B 382 6.33 26.12 -10.35
N ARG B 383 6.66 26.72 -9.22
CA ARG B 383 7.99 26.61 -8.62
C ARG B 383 7.79 26.68 -7.12
N GLY B 384 8.66 26.01 -6.37
CA GLY B 384 8.59 26.00 -4.91
C GLY B 384 9.91 26.38 -4.24
N ILE B 385 9.83 26.52 -2.90
CA ILE B 385 10.96 26.78 -2.02
C ILE B 385 10.90 25.82 -0.83
N LEU B 386 12.02 25.72 -0.15
CA LEU B 386 12.09 25.19 1.21
C LEU B 386 12.45 26.35 2.14
N MET B 387 11.77 26.35 3.28
CA MET B 387 11.99 27.38 4.27
C MET B 387 12.11 26.75 5.65
N GLN B 388 12.97 27.38 6.49
CA GLN B 388 13.36 26.82 7.77
C GLN B 388 13.02 27.82 8.86
N VAL B 389 12.55 27.32 10.02
CA VAL B 389 12.29 28.21 11.16
C VAL B 389 13.62 28.60 11.79
N GLN B 390 13.96 29.88 11.71
CA GLN B 390 15.15 30.41 12.37
C GLN B 390 14.76 31.67 13.12
N ASP B 391 14.98 31.66 14.45
CA ASP B 391 14.71 32.81 15.30
C ASP B 391 13.26 33.26 15.13
N GLY B 392 12.33 32.28 15.13
CA GLY B 392 10.91 32.57 15.24
C GLY B 392 10.22 32.99 13.93
N LYS B 393 10.90 32.81 12.79
CA LYS B 393 10.35 33.14 11.48
C LYS B 393 10.77 32.04 10.49
N TYR B 394 9.90 31.68 9.55
CA TYR B 394 10.36 30.89 8.41
C TYR B 394 11.18 31.75 7.47
N CYS B 395 12.32 31.18 7.04
CA CYS B 395 13.33 31.82 6.22
C CYS B 395 13.64 30.92 5.04
N THR B 396 13.61 31.49 3.82
CA THR B 396 13.89 30.70 2.62
C THR B 396 15.33 30.22 2.62
N VAL B 397 15.52 28.91 2.43
CA VAL B 397 16.85 28.30 2.43
C VAL B 397 17.19 27.60 1.11
N TYR B 398 16.22 27.39 0.22
CA TYR B 398 16.45 26.64 -1.01
C TYR B 398 15.30 26.94 -1.94
N PRO B 399 15.52 27.07 -3.27
CA PRO B 399 16.84 27.01 -3.91
C PRO B 399 17.67 28.26 -3.61
N PHE B 400 18.95 28.20 -4.00
CA PHE B 400 19.93 29.21 -3.61
C PHE B 400 19.55 30.56 -4.20
N GLU B 401 18.98 30.61 -5.40
CA GLU B 401 18.69 31.88 -6.03
C GLU B 401 17.54 32.61 -5.32
N LEU B 402 16.76 31.91 -4.48
CA LEU B 402 15.67 32.53 -3.75
C LEU B 402 15.93 32.56 -2.24
N ALA B 403 17.10 32.08 -1.80
CA ALA B 403 17.35 31.87 -0.38
C ALA B 403 17.66 33.19 0.29
N ALA B 404 17.15 33.39 1.50
CA ALA B 404 17.45 34.57 2.30
C ALA B 404 18.51 34.30 3.37
N CYS B 405 18.76 33.02 3.68
CA CYS B 405 19.70 32.68 4.74
CA CYS B 405 19.51 32.58 4.85
C CYS B 405 20.23 31.27 4.50
N LYS B 406 21.26 30.92 5.28
CA LYS B 406 21.94 29.63 5.19
C LYS B 406 21.16 28.59 6.01
N LEU B 407 21.09 27.35 5.51
CA LEU B 407 20.56 26.22 6.27
C LEU B 407 21.26 26.12 7.63
N GLN B 408 20.46 25.82 8.66
CA GLN B 408 20.94 25.44 9.97
C GLN B 408 20.85 23.91 10.08
N TYR B 409 22.03 23.28 10.17
CA TYR B 409 22.12 21.82 10.30
C TYR B 409 23.28 21.53 11.26
N PRO B 410 23.13 20.60 12.21
CA PRO B 410 21.88 19.89 12.46
C PRO B 410 20.83 20.76 13.14
N MET B 411 19.58 20.29 13.16
CA MET B 411 18.56 20.94 13.95
CA MET B 411 18.56 20.92 13.96
C MET B 411 18.99 20.97 15.42
N PRO B 412 18.73 22.08 16.14
CA PRO B 412 19.07 22.09 17.56
C PRO B 412 18.33 20.96 18.28
N THR B 413 18.92 20.45 19.35
CA THR B 413 18.19 19.51 20.20
C THR B 413 17.18 20.27 21.04
N TRP B 414 16.26 19.54 21.68
CA TRP B 414 15.27 20.20 22.52
C TRP B 414 15.92 21.09 23.57
N SER B 415 17.05 20.63 24.12
CA SER B 415 17.71 21.38 25.16
C SER B 415 18.31 22.68 24.63
N GLN B 416 18.55 22.76 23.32
CA GLN B 416 19.19 23.92 22.72
C GLN B 416 18.20 24.91 22.12
N LYS B 417 16.94 24.53 22.01
CA LYS B 417 15.93 25.41 21.46
C LYS B 417 15.52 26.47 22.49
N PCA C . 0.09 -19.28 1.89
CA PCA C . -0.01 -18.89 3.28
CB PCA C . -0.11 -20.25 4.04
CG PCA C . -0.39 -21.28 2.95
CD PCA C . -0.12 -20.58 1.64
OE PCA C . -0.08 -21.11 0.51
C PCA C . 1.18 -18.08 3.79
O PCA C . 2.18 -17.97 3.07
OXT PCA C . 1.02 -17.56 4.91
NA NA D . 14.21 -45.47 2.86
N PCA E . -1.61 19.67 1.08
CA PCA E . -2.69 19.20 1.93
CB PCA E . -3.35 20.52 2.43
CG PCA E . -2.34 21.61 2.09
CD PCA E . -1.35 20.97 1.15
OE PCA E . -0.46 21.56 0.53
C PCA E . -3.75 18.39 1.20
O PCA E . -4.59 17.85 1.89
OXT PCA E . -3.69 18.35 -0.03
NA NA F . -10.66 45.91 -9.77
#